data_5MGA
#
_entry.id   5MGA
#
_cell.length_a   85.223
_cell.length_b   137.652
_cell.length_c   320.513
_cell.angle_alpha   90.00
_cell.angle_beta   90.00
_cell.angle_gamma   90.00
#
_symmetry.space_group_name_H-M   'C 2 2 21'
#
loop_
_entity.id
_entity.type
_entity.pdbx_description
1 polymer 'CRISPR-associated endonuclease Cpf1'
2 polymer 'RNA (40-MER)'
3 polymer 'DNA (26-MER)'
4 polymer "DNA (5'-D(P*CP*GP*TP*TP*AP*GP*AP*GP*AP*AP*GP*T)-3')"
5 non-polymer 'MAGNESIUM ION'
6 water water
#
loop_
_entity_poly.entity_id
_entity_poly.type
_entity_poly.pdbx_seq_one_letter_code
_entity_poly.pdbx_strand_id
1 'polypeptide(L)'
;MSIYQEFVNKYSLSKTLRFELIPQGKTLENIKARGLILDDEKRAKDYKKAKQIIDKYHQFFIEEILSSVCISEDLLQNYS
DVYFKLKKSDDDNLQKDFKSAKDTIKKQISEYIKDSEKFKNLFNQNLIDAKKGQESDLILWLKQSKDNGIELFKANSDIT
DIDEALEIIKSFKGWTTYFKGFHENRKNVYSSNDIPTSIIYRIVDDNLPKFLENKAKYESLKDKAPEAINYEQIKKDLAE
ELTFDDDYKTSEVNQRVFSLDEVFEIANFNNYLNQSGITKFNTIIGGKFVNGENTKRKGINEYINLYSQQINDKTLKKYK
MSVLFKQILSDTESKSFVIDKLEDDSDVVTTMQSFYEQIAAFKTVEEKSIKETLSLLFDDLKAQKLDLSKIYFKNDKSLT
DLSQQVFDDYSVIGTAVLEYITQQIAPKNLDNPSKKEQELIAKKTEKAKYLSLETILLALEEFNKHRDIDKQCRFEEILA
NFAAIPMIFDEIAQNKDNLAQISIKYQNQGKKDLLQASAEDDVKAIKDLLDQTNNLLHKLKIFHISQSEDKANILDKDEH
FYLVFEECYFELANIVPLYNKIRNYITQKPYSDEKFKLNFENSTLANGWDKNKEPDNTAILFIKDDKYYLGVMNKKNNKI
FDDKAIKENKGEGYKKIVYKLLPGANKMLPKVFFSAKSIKFYNPSEDILRIRNHSTHTKNGSPQKGYEKFEFNIEDCRKF
IDFYKQSISKHPEWKDFGFRFSDTQRYNSIDEFYREVENQGYKLTFENISESYIDSVVNQGKLYLFQIYNKDFSAYSKGR
PNLHTLYWKALFDERNLQDVVYKLNGEAELFYRKQSIPKKIIHPAKEAIANKNKDNPKKESVFEYDLIKDKRFTEDKFFF
HCPITINFKSSGANKFNDEINLLLKEKANDVHILSIDRGERHLAYYTLVDGKGNIIKQDTFNIIGNDRMKTNYHDKLAAI
EKDRDSARKDWKKINNIKEMKEGYLSQVVHEIAKLVIEYNAIVVFEDLNFGFKRGRFKVEKQVYQKLEKMLIEKLNYLVF
KDNEFDKTGGVLRAYQLTAPFETFKKMGKQTGIIYYVPAGFTSKICPVTGFVNQLYPKYESVSKSQEFFSKFDKICYNLD
KGYFEFSFDYKNFGDKAAKGKWTIASFGSRLINFRNSDKNHNWDTREVYPTKELEKLLKDYSIEYGHGECIKAAICGESD
KKFFAKLTSVLNTILQMRNSKTGTELDYLISPVADVNGNFFDSRQAPKNMPQDADANGAYHIGLKGLMLLGRIKNNQEGK
KLNLVIKNEEYFEFVQNRNNGSEFELENLYFQGELRRQASALE
;
A
2 'polyribonucleotide' AAUUUCUACUGUUGUAGAUGAGAAGUCAUUUAAUAAGGCC B
3 'polydeoxyribonucleotide'
;(DG)(DG)(DC)(DC)(DT)(DT)(DA)(DT)(DT)(DA)(DA)(DA)(DT)(DG)(DA)(DC)(DT)(DT)(DC)(DT)
(DC)(DT)(DA)(DA)(DC)(DG)
;
C
4 'polydeoxyribonucleotide' (DC)(DG)(DT)(DT)(DA)(DG)(DA)(DG)(DA)(DA)(DG)(DT) D
#
loop_
_chem_comp.id
_chem_comp.type
_chem_comp.name
_chem_comp.formula
A RNA linking ADENOSINE-5'-MONOPHOSPHATE 'C10 H14 N5 O7 P'
C RNA linking CYTIDINE-5'-MONOPHOSPHATE 'C9 H14 N3 O8 P'
DA DNA linking 2'-DEOXYADENOSINE-5'-MONOPHOSPHATE 'C10 H14 N5 O6 P'
DC DNA linking 2'-DEOXYCYTIDINE-5'-MONOPHOSPHATE 'C9 H14 N3 O7 P'
DG DNA linking 2'-DEOXYGUANOSINE-5'-MONOPHOSPHATE 'C10 H14 N5 O7 P'
DT DNA linking THYMIDINE-5'-MONOPHOSPHATE 'C10 H15 N2 O8 P'
G RNA linking GUANOSINE-5'-MONOPHOSPHATE 'C10 H14 N5 O8 P'
MG non-polymer 'MAGNESIUM ION' 'Mg 2'
U RNA linking URIDINE-5'-MONOPHOSPHATE 'C9 H13 N2 O9 P'
#
# COMPACT_ATOMS: atom_id res chain seq x y z
N ILE A 3 -3.59 25.17 -25.57
CA ILE A 3 -2.57 24.05 -25.55
C ILE A 3 -3.16 22.66 -25.34
N TYR A 4 -3.36 22.29 -24.09
CA TYR A 4 -4.22 21.19 -23.68
C TYR A 4 -5.73 21.50 -23.74
N GLN A 5 -6.09 22.62 -24.35
CA GLN A 5 -7.48 23.00 -24.54
C GLN A 5 -8.36 21.93 -25.19
N GLU A 6 -7.84 21.14 -26.13
CA GLU A 6 -8.64 20.10 -26.78
C GLU A 6 -8.88 18.92 -25.81
N PHE A 7 -7.91 18.64 -24.93
CA PHE A 7 -8.00 17.49 -24.01
C PHE A 7 -9.05 17.71 -22.91
N VAL A 8 -10.31 17.54 -23.29
CA VAL A 8 -11.45 17.76 -22.44
C VAL A 8 -12.52 16.81 -22.94
N ASN A 9 -13.24 16.22 -22.00
CA ASN A 9 -14.26 15.23 -22.32
C ASN A 9 -13.65 14.04 -23.12
N LYS A 10 -12.44 13.67 -22.72
CA LYS A 10 -11.76 12.54 -23.30
C LYS A 10 -12.43 11.26 -22.89
N TYR A 11 -12.32 10.89 -21.60
CA TYR A 11 -12.86 9.64 -21.10
C TYR A 11 -13.74 9.84 -19.85
N SER A 12 -14.59 8.82 -19.61
CA SER A 12 -15.49 8.79 -18.45
C SER A 12 -14.79 8.29 -17.20
N LEU A 13 -15.34 8.64 -16.04
CA LEU A 13 -14.82 8.25 -14.74
C LEU A 13 -15.97 7.97 -13.77
N SER A 14 -15.67 7.21 -12.73
CA SER A 14 -16.56 6.99 -11.61
C SER A 14 -16.07 7.76 -10.40
N LYS A 15 -16.99 8.27 -9.60
CA LYS A 15 -16.64 9.01 -8.41
C LYS A 15 -17.70 8.79 -7.35
N THR A 16 -17.36 9.24 -6.15
CA THR A 16 -18.27 9.22 -5.00
C THR A 16 -18.25 10.57 -4.32
N LEU A 17 -19.43 11.05 -3.95
CA LEU A 17 -19.56 12.29 -3.22
C LEU A 17 -20.17 12.01 -1.87
N ARG A 18 -19.49 12.43 -0.81
CA ARG A 18 -19.98 12.22 0.55
C ARG A 18 -20.62 13.49 1.07
N PHE A 19 -21.78 13.35 1.66
CA PHE A 19 -22.48 14.45 2.30
C PHE A 19 -22.95 13.99 3.70
N GLU A 20 -23.39 14.95 4.53
CA GLU A 20 -24.18 14.65 5.73
C GLU A 20 -25.67 14.66 5.41
N LEU A 21 -26.41 13.83 6.11
CA LEU A 21 -27.84 13.84 6.05
C LEU A 21 -28.40 14.41 7.37
N ILE A 22 -29.31 15.38 7.23
CA ILE A 22 -29.87 16.10 8.39
C ILE A 22 -31.35 15.81 8.44
N PRO A 23 -31.81 15.12 9.49
CA PRO A 23 -33.21 14.73 9.47
C PRO A 23 -34.14 15.93 9.64
N GLN A 24 -35.07 16.01 8.73
CA GLN A 24 -36.05 17.03 8.76
C GLN A 24 -37.23 16.58 9.63
N GLY A 25 -37.88 17.55 10.30
CA GLY A 25 -39.22 17.38 10.88
C GLY A 25 -39.20 16.31 11.92
N LYS A 26 -40.21 15.44 11.91
CA LYS A 26 -40.32 14.40 12.92
C LYS A 26 -39.47 13.17 12.61
N THR A 27 -38.71 13.20 11.52
CA THR A 27 -38.18 11.96 10.94
C THR A 27 -37.31 11.24 11.93
N LEU A 28 -36.47 11.98 12.66
CA LEU A 28 -35.57 11.39 13.62
C LEU A 28 -36.39 10.66 14.68
N GLU A 29 -37.43 11.31 15.17
CA GLU A 29 -38.26 10.72 16.22
C GLU A 29 -38.94 9.46 15.71
N ASN A 30 -39.40 9.50 14.45
CA ASN A 30 -40.06 8.31 13.90
C ASN A 30 -39.06 7.18 13.79
N ILE A 31 -37.85 7.48 13.36
CA ILE A 31 -36.82 6.44 13.24
C ILE A 31 -36.52 5.85 14.61
N LYS A 32 -36.45 6.69 15.63
CA LYS A 32 -36.19 6.20 16.97
C LYS A 32 -37.32 5.29 17.46
N ALA A 33 -38.56 5.67 17.15
CA ALA A 33 -39.74 4.97 17.53
C ALA A 33 -39.90 3.62 16.91
N ARG A 34 -39.22 3.40 15.79
CA ARG A 34 -39.15 2.08 15.15
C ARG A 34 -37.80 1.36 15.36
N GLY A 35 -36.84 2.05 16.02
CA GLY A 35 -35.55 1.48 16.40
C GLY A 35 -34.72 1.04 15.25
N LEU A 36 -34.76 1.81 14.18
CA LEU A 36 -34.15 1.36 12.92
C LEU A 36 -32.62 1.40 13.01
N ILE A 37 -32.10 2.41 13.68
CA ILE A 37 -30.66 2.58 13.79
C ILE A 37 -30.04 1.41 14.60
N LEU A 38 -30.69 1.07 15.70
CA LEU A 38 -30.21 0.00 16.53
C LEU A 38 -30.32 -1.32 15.76
N ASP A 39 -31.43 -1.50 15.07
CA ASP A 39 -31.62 -2.73 14.30
C ASP A 39 -30.52 -2.83 13.27
N ASP A 40 -30.08 -1.75 12.66
CA ASP A 40 -29.02 -1.74 11.70
C ASP A 40 -27.63 -1.90 12.24
N GLU A 41 -27.39 -1.48 13.48
CA GLU A 41 -26.19 -1.72 14.20
C GLU A 41 -26.04 -3.25 14.44
N LYS A 42 -27.06 -3.86 15.05
CA LYS A 42 -27.00 -5.27 15.25
C LYS A 42 -26.90 -6.03 13.92
N ARG A 43 -27.59 -5.55 12.91
CA ARG A 43 -27.56 -6.15 11.60
C ARG A 43 -26.17 -6.07 10.97
N ALA A 44 -25.41 -5.00 11.21
CA ALA A 44 -24.06 -4.93 10.75
C ALA A 44 -23.18 -6.01 11.38
N LYS A 45 -23.20 -6.11 12.68
CA LYS A 45 -22.36 -7.07 13.37
C LYS A 45 -22.74 -8.49 12.92
N ASP A 46 -24.05 -8.73 12.84
CA ASP A 46 -24.48 -10.08 12.41
C ASP A 46 -24.08 -10.35 10.99
N TYR A 47 -24.07 -9.38 10.11
CA TYR A 47 -23.59 -9.53 8.75
C TYR A 47 -22.11 -9.87 8.69
N LYS A 48 -21.33 -9.18 9.54
CA LYS A 48 -19.93 -9.47 9.66
C LYS A 48 -19.77 -10.99 10.04
N LYS A 49 -20.51 -11.38 11.09
CA LYS A 49 -20.41 -12.72 11.58
C LYS A 49 -20.84 -13.74 10.52
N ALA A 50 -21.87 -13.43 9.76
CA ALA A 50 -22.30 -14.30 8.69
C ALA A 50 -21.24 -14.48 7.64
N LYS A 51 -20.55 -13.38 7.30
CA LYS A 51 -19.44 -13.44 6.35
C LYS A 51 -18.30 -14.37 6.87
N GLN A 52 -18.01 -14.26 8.15
CA GLN A 52 -17.04 -15.15 8.75
C GLN A 52 -17.44 -16.62 8.69
N ILE A 53 -18.72 -16.86 8.97
CA ILE A 53 -19.29 -18.18 8.91
C ILE A 53 -19.12 -18.76 7.47
N ILE A 54 -19.47 -17.95 6.50
CA ILE A 54 -19.38 -18.39 5.13
C ILE A 54 -17.91 -18.70 4.75
N ASP A 55 -17.01 -17.85 5.23
CA ASP A 55 -15.60 -18.00 4.98
C ASP A 55 -15.01 -19.26 5.54
N LYS A 56 -15.53 -19.83 6.63
CA LYS A 56 -15.06 -21.10 7.07
C LYS A 56 -15.34 -22.21 6.02
N TYR A 57 -16.58 -22.13 5.50
CA TYR A 57 -16.99 -23.09 4.47
C TYR A 57 -16.14 -22.93 3.22
N HIS A 58 -15.85 -21.67 2.86
CA HIS A 58 -14.96 -21.41 1.72
C HIS A 58 -13.58 -21.99 1.97
N GLN A 59 -13.02 -21.83 3.14
CA GLN A 59 -11.74 -22.38 3.47
C GLN A 59 -11.75 -23.91 3.26
N PHE A 60 -12.82 -24.53 3.75
CA PHE A 60 -12.89 -25.99 3.59
C PHE A 60 -12.96 -26.36 2.10
N PHE A 61 -13.76 -25.65 1.36
CA PHE A 61 -13.87 -25.86 -0.08
C PHE A 61 -12.54 -25.74 -0.77
N ILE A 62 -11.75 -24.78 -0.36
CA ILE A 62 -10.41 -24.56 -0.90
C ILE A 62 -9.47 -25.76 -0.58
N GLU A 63 -9.52 -26.20 0.69
CA GLU A 63 -8.67 -27.29 1.06
C GLU A 63 -9.06 -28.56 0.34
N GLU A 64 -10.34 -28.84 0.20
CA GLU A 64 -10.77 -30.03 -0.49
C GLU A 64 -10.37 -29.94 -1.99
N ILE A 65 -10.50 -28.75 -2.53
CA ILE A 65 -10.34 -28.61 -3.97
C ILE A 65 -8.85 -28.71 -4.31
N LEU A 66 -7.95 -28.11 -3.53
CA LEU A 66 -6.58 -28.11 -3.92
C LEU A 66 -6.06 -29.50 -3.80
N SER A 67 -6.18 -30.13 -2.63
CA SER A 67 -5.65 -31.45 -2.50
C SER A 67 -6.31 -32.41 -3.45
N SER A 68 -7.64 -32.37 -3.46
CA SER A 68 -8.35 -33.57 -3.82
C SER A 68 -8.12 -33.82 -5.27
N VAL A 69 -8.18 -32.80 -6.08
CA VAL A 69 -7.39 -32.83 -7.29
C VAL A 69 -6.47 -31.64 -7.41
N CYS A 70 -5.21 -32.00 -7.44
CA CYS A 70 -4.13 -31.08 -7.25
C CYS A 70 -2.96 -31.59 -8.04
N ILE A 71 -3.22 -32.39 -9.08
CA ILE A 71 -2.12 -32.93 -9.85
C ILE A 71 -1.98 -32.08 -11.09
N SER A 72 -0.98 -31.23 -10.98
CA SER A 72 -0.43 -30.55 -12.10
C SER A 72 0.75 -31.44 -12.46
N GLU A 73 0.88 -31.90 -13.70
CA GLU A 73 1.90 -32.97 -14.02
C GLU A 73 3.30 -32.42 -14.02
N ASP A 74 4.33 -33.28 -14.19
CA ASP A 74 5.73 -32.82 -14.30
C ASP A 74 5.87 -31.87 -15.45
N LEU A 75 4.84 -31.76 -16.26
CA LEU A 75 4.80 -30.84 -17.38
C LEU A 75 4.56 -29.34 -16.88
N LEU A 76 4.37 -29.15 -15.58
CA LEU A 76 4.87 -27.95 -14.90
C LEU A 76 6.18 -27.44 -15.42
N GLN A 77 7.11 -28.36 -15.70
CA GLN A 77 8.43 -28.03 -16.24
C GLN A 77 8.30 -27.25 -17.52
N ASN A 78 7.42 -27.63 -18.42
CA ASN A 78 7.16 -26.78 -19.59
C ASN A 78 7.09 -25.29 -19.18
N TYR A 79 6.44 -25.02 -18.04
CA TYR A 79 6.36 -23.69 -17.53
C TYR A 79 7.75 -23.16 -17.13
N SER A 80 8.47 -23.99 -16.37
CA SER A 80 9.75 -23.64 -15.85
C SER A 80 10.72 -23.23 -16.97
N ASP A 81 10.72 -24.02 -18.05
CA ASP A 81 11.57 -23.83 -19.17
C ASP A 81 11.42 -22.42 -19.77
N VAL A 82 10.24 -22.12 -20.30
CA VAL A 82 10.00 -20.82 -20.89
C VAL A 82 10.13 -19.73 -19.89
N TYR A 83 9.89 -20.01 -18.60
CA TYR A 83 10.04 -18.98 -17.57
C TYR A 83 11.52 -18.53 -17.44
N PHE A 84 12.40 -19.54 -17.40
CA PHE A 84 13.80 -19.25 -17.29
C PHE A 84 14.39 -18.73 -18.61
N LYS A 85 13.81 -19.12 -19.72
CA LYS A 85 14.22 -18.51 -21.01
C LYS A 85 13.74 -17.08 -21.05
N LEU A 86 12.60 -16.75 -20.52
CA LEU A 86 12.08 -15.41 -20.48
C LEU A 86 12.81 -14.53 -19.51
N LYS A 87 13.50 -15.12 -18.50
CA LYS A 87 14.44 -14.32 -17.69
C LYS A 87 15.55 -13.78 -18.57
N LYS A 88 15.83 -14.33 -19.75
CA LYS A 88 16.73 -13.69 -20.71
C LYS A 88 16.03 -12.77 -21.71
N SER A 89 14.80 -12.30 -21.41
CA SER A 89 14.13 -11.20 -22.14
C SER A 89 14.09 -11.39 -23.68
N ASP A 90 13.46 -12.47 -24.11
CA ASP A 90 13.41 -12.82 -25.53
C ASP A 90 12.15 -12.22 -26.22
N ASP A 91 11.91 -12.65 -27.46
CA ASP A 91 10.87 -12.09 -28.36
C ASP A 91 9.43 -12.46 -27.95
N ASP A 92 8.48 -12.33 -28.88
CA ASP A 92 7.05 -12.45 -28.67
C ASP A 92 6.66 -13.92 -28.56
N ASN A 93 7.32 -14.78 -29.33
CA ASN A 93 6.92 -16.18 -29.33
C ASN A 93 7.16 -16.84 -27.99
N LEU A 94 8.24 -16.49 -27.32
CA LEU A 94 8.45 -16.96 -25.94
C LEU A 94 7.34 -16.45 -25.00
N GLN A 95 7.02 -15.18 -25.16
CA GLN A 95 5.97 -14.52 -24.40
C GLN A 95 4.62 -15.17 -24.61
N LYS A 96 4.38 -15.79 -25.75
CA LYS A 96 3.17 -16.50 -26.05
C LYS A 96 3.20 -17.93 -25.48
N ASP A 97 4.35 -18.58 -25.61
CA ASP A 97 4.52 -19.91 -25.08
C ASP A 97 4.37 -19.92 -23.56
N PHE A 98 4.90 -18.92 -22.88
CA PHE A 98 4.72 -18.79 -21.45
C PHE A 98 3.23 -18.70 -21.07
N LYS A 99 2.55 -17.82 -21.82
CA LYS A 99 1.12 -17.64 -21.62
C LYS A 99 0.35 -18.93 -21.80
N SER A 100 0.78 -19.71 -22.75
CA SER A 100 0.14 -21.00 -23.06
C SER A 100 0.33 -22.01 -21.91
N ALA A 101 1.57 -22.12 -21.39
CA ALA A 101 1.77 -23.08 -20.34
C ALA A 101 1.07 -22.69 -19.10
N LYS A 102 1.15 -21.40 -18.81
CA LYS A 102 0.38 -20.83 -17.61
C LYS A 102 -1.12 -21.14 -17.76
N ASP A 103 -1.64 -20.89 -18.97
CA ASP A 103 -3.03 -21.13 -19.25
C ASP A 103 -3.41 -22.61 -19.04
N THR A 104 -2.53 -23.51 -19.43
CA THR A 104 -2.79 -24.91 -19.33
C THR A 104 -2.89 -25.36 -17.84
N ILE A 105 -1.95 -24.89 -17.04
CA ILE A 105 -2.01 -25.20 -15.63
C ILE A 105 -3.28 -24.55 -15.00
N LYS A 106 -3.61 -23.34 -15.41
CA LYS A 106 -4.80 -22.72 -14.91
C LYS A 106 -6.05 -23.54 -15.21
N LYS A 107 -6.11 -24.10 -16.43
CA LYS A 107 -7.16 -25.00 -16.81
C LYS A 107 -7.19 -26.23 -15.93
N GLN A 108 -5.99 -26.67 -15.50
CA GLN A 108 -5.91 -27.83 -14.59
C GLN A 108 -6.63 -27.48 -13.28
N ILE A 109 -6.39 -26.29 -12.75
CA ILE A 109 -7.01 -26.00 -11.45
C ILE A 109 -8.51 -25.66 -11.56
N SER A 110 -8.81 -24.73 -12.43
CA SER A 110 -10.19 -24.33 -12.70
C SER A 110 -11.04 -25.48 -13.20
N GLU A 111 -10.41 -26.49 -13.80
CA GLU A 111 -11.13 -27.71 -14.21
C GLU A 111 -11.93 -28.27 -13.02
N TYR A 112 -11.18 -28.74 -12.03
CA TYR A 112 -11.83 -29.39 -10.89
C TYR A 112 -12.68 -28.38 -10.15
N ILE A 113 -12.22 -27.12 -10.04
CA ILE A 113 -13.06 -26.13 -9.35
C ILE A 113 -14.46 -26.05 -9.99
N LYS A 114 -14.55 -25.84 -11.30
CA LYS A 114 -15.81 -25.69 -11.94
C LYS A 114 -16.54 -27.00 -12.09
N ASP A 115 -15.89 -28.14 -12.01
CA ASP A 115 -16.62 -29.40 -11.96
C ASP A 115 -17.23 -29.83 -10.67
N SER A 116 -16.82 -29.25 -9.55
CA SER A 116 -17.25 -29.71 -8.23
C SER A 116 -18.73 -29.50 -7.95
N GLU A 117 -19.26 -30.23 -6.97
CA GLU A 117 -20.65 -30.07 -6.57
C GLU A 117 -20.85 -28.85 -5.70
N LYS A 118 -19.89 -28.56 -4.83
CA LYS A 118 -19.99 -27.40 -3.95
C LYS A 118 -20.00 -26.10 -4.71
N PHE A 119 -19.43 -26.11 -5.91
CA PHE A 119 -19.33 -24.89 -6.72
C PHE A 119 -20.66 -24.41 -7.23
N LYS A 120 -21.60 -25.36 -7.40
CA LYS A 120 -22.91 -25.06 -7.96
C LYS A 120 -23.62 -23.93 -7.19
N ASN A 121 -23.65 -24.06 -5.88
CA ASN A 121 -24.43 -23.16 -5.04
C ASN A 121 -23.54 -22.37 -4.07
N LEU A 122 -22.28 -22.14 -4.40
CA LEU A 122 -21.39 -21.45 -3.46
C LEU A 122 -21.68 -19.93 -3.37
N PHE A 123 -22.40 -19.44 -4.37
CA PHE A 123 -22.65 -18.01 -4.55
C PHE A 123 -24.15 -17.64 -4.66
N ASN A 124 -25.05 -18.63 -4.48
CA ASN A 124 -26.46 -18.36 -4.74
C ASN A 124 -27.32 -18.58 -3.50
N GLN A 125 -28.64 -18.51 -3.68
CA GLN A 125 -29.62 -18.66 -2.62
C GLN A 125 -29.49 -19.99 -1.93
N ASN A 126 -29.30 -21.06 -2.70
CA ASN A 126 -29.16 -22.39 -2.12
C ASN A 126 -28.01 -22.58 -1.14
N LEU A 127 -27.06 -21.67 -1.07
CA LEU A 127 -26.04 -21.71 -0.04
C LEU A 127 -26.69 -21.55 1.30
N ILE A 128 -27.70 -20.68 1.40
CA ILE A 128 -28.34 -20.38 2.67
C ILE A 128 -29.85 -20.63 2.72
N ASP A 129 -30.67 -19.98 1.91
CA ASP A 129 -32.09 -20.16 2.06
C ASP A 129 -32.57 -21.44 1.42
N ALA A 130 -31.89 -21.82 0.35
CA ALA A 130 -32.26 -22.99 -0.43
C ALA A 130 -33.76 -22.94 -0.74
N LYS A 131 -34.47 -24.01 -0.42
CA LYS A 131 -35.84 -24.10 -0.76
C LYS A 131 -36.56 -24.98 0.19
N LYS A 132 -37.83 -25.24 -0.08
CA LYS A 132 -38.51 -26.21 0.75
C LYS A 132 -38.08 -27.60 0.38
N GLY A 133 -37.97 -28.46 1.41
CA GLY A 133 -37.56 -29.85 1.25
C GLY A 133 -36.05 -29.93 1.32
N GLN A 134 -35.40 -29.44 0.25
CA GLN A 134 -33.95 -29.44 0.10
C GLN A 134 -33.29 -28.52 1.11
N GLU A 135 -32.05 -28.84 1.46
CA GLU A 135 -31.34 -28.12 2.51
C GLU A 135 -30.24 -27.31 1.92
N SER A 136 -29.81 -26.30 2.66
CA SER A 136 -28.75 -25.45 2.20
C SER A 136 -27.40 -26.10 2.38
N ASP A 137 -26.47 -25.80 1.50
CA ASP A 137 -25.17 -26.37 1.57
C ASP A 137 -24.46 -25.87 2.83
N LEU A 138 -24.71 -24.63 3.24
CA LEU A 138 -23.97 -24.11 4.38
C LEU A 138 -24.51 -24.69 5.70
N ILE A 139 -25.82 -24.63 5.90
CA ILE A 139 -26.37 -25.16 7.13
C ILE A 139 -26.15 -26.65 7.24
N LEU A 140 -26.30 -27.36 6.14
CA LEU A 140 -26.06 -28.80 6.10
C LEU A 140 -24.59 -29.09 6.47
N TRP A 141 -23.69 -28.30 5.93
CA TRP A 141 -22.27 -28.44 6.26
C TRP A 141 -22.01 -28.23 7.75
N LEU A 142 -22.65 -27.20 8.31
CA LEU A 142 -22.54 -26.92 9.71
C LEU A 142 -23.25 -27.95 10.56
N LYS A 143 -24.42 -28.37 10.11
CA LYS A 143 -25.36 -29.15 10.93
C LYS A 143 -24.78 -30.51 11.18
N GLN A 144 -24.41 -31.19 10.11
CA GLN A 144 -24.08 -32.60 10.21
C GLN A 144 -22.58 -32.80 10.10
N SER A 145 -22.03 -32.37 8.97
CA SER A 145 -20.63 -32.62 8.70
C SER A 145 -19.71 -31.96 9.75
N LYS A 146 -20.19 -30.89 10.36
CA LYS A 146 -19.36 -30.11 11.26
C LYS A 146 -19.75 -30.24 12.72
N ASP A 147 -21.05 -30.17 13.04
CA ASP A 147 -21.49 -30.28 14.44
C ASP A 147 -21.36 -31.74 14.95
N ASN A 148 -21.92 -32.68 14.19
CA ASN A 148 -21.82 -34.11 14.49
C ASN A 148 -20.42 -34.68 14.18
N GLY A 149 -19.71 -34.12 13.20
CA GLY A 149 -18.30 -34.50 12.97
C GLY A 149 -17.37 -34.08 14.10
N ILE A 150 -17.89 -33.45 15.16
CA ILE A 150 -17.14 -33.19 16.39
C ILE A 150 -16.19 -31.98 16.23
N GLU A 151 -16.20 -31.35 15.06
CA GLU A 151 -15.36 -30.17 14.78
C GLU A 151 -15.95 -28.91 15.43
N LEU A 152 -15.09 -28.03 15.93
CA LEU A 152 -15.54 -26.78 16.52
C LEU A 152 -14.69 -25.71 15.91
N PHE A 153 -15.24 -25.04 14.92
CA PHE A 153 -14.50 -24.05 14.17
C PHE A 153 -14.14 -22.86 14.97
N LYS A 154 -15.16 -22.26 15.52
CA LYS A 154 -14.96 -21.05 16.26
C LYS A 154 -13.95 -21.06 17.35
N ALA A 155 -12.85 -20.41 17.05
CA ALA A 155 -11.90 -20.04 18.05
C ALA A 155 -12.02 -18.54 17.82
N ASN A 156 -13.22 -17.99 18.03
CA ASN A 156 -13.52 -16.65 17.69
C ASN A 156 -14.30 -16.02 18.76
N SER A 157 -13.73 -14.94 19.19
CA SER A 157 -14.26 -14.10 20.20
C SER A 157 -15.73 -13.83 20.01
N ASP A 158 -16.16 -13.66 18.78
CA ASP A 158 -17.48 -13.14 18.56
C ASP A 158 -18.54 -14.20 18.35
N ILE A 159 -18.17 -15.38 17.87
CA ILE A 159 -19.12 -16.47 17.68
C ILE A 159 -18.71 -17.60 18.62
N THR A 160 -19.62 -17.95 19.53
CA THR A 160 -19.31 -18.89 20.62
C THR A 160 -19.13 -20.31 20.09
N ASP A 161 -20.13 -20.81 19.39
CA ASP A 161 -20.17 -22.17 18.95
C ASP A 161 -21.01 -22.28 17.70
N ILE A 162 -21.11 -23.48 17.18
CA ILE A 162 -21.72 -23.74 15.90
C ILE A 162 -23.23 -23.59 15.93
N ASP A 163 -23.85 -23.71 17.10
CA ASP A 163 -25.28 -23.46 17.22
C ASP A 163 -25.59 -21.97 16.96
N GLU A 164 -24.78 -21.10 17.57
CA GLU A 164 -24.93 -19.68 17.34
C GLU A 164 -24.72 -19.35 15.86
N ALA A 165 -23.76 -19.99 15.22
CA ALA A 165 -23.56 -19.79 13.79
C ALA A 165 -24.82 -20.17 13.00
N LEU A 166 -25.40 -21.31 13.37
CA LEU A 166 -26.61 -21.79 12.76
C LEU A 166 -27.73 -20.74 12.87
N GLU A 167 -27.86 -20.17 14.08
CA GLU A 167 -28.85 -19.15 14.32
C GLU A 167 -28.62 -17.91 13.45
N ILE A 168 -27.36 -17.50 13.38
CA ILE A 168 -27.01 -16.29 12.66
C ILE A 168 -27.28 -16.48 11.17
N ILE A 169 -26.92 -17.60 10.64
CA ILE A 169 -27.14 -17.86 9.20
C ILE A 169 -28.63 -17.96 8.95
N LYS A 170 -29.37 -18.60 9.86
CA LYS A 170 -30.80 -18.74 9.60
C LYS A 170 -31.53 -17.44 9.72
N SER A 171 -30.91 -16.45 10.42
CA SER A 171 -31.51 -15.11 10.52
C SER A 171 -31.48 -14.37 9.27
N PHE A 172 -30.77 -14.77 8.24
CA PHE A 172 -30.74 -13.99 7.00
C PHE A 172 -31.61 -14.64 5.92
N LYS A 173 -32.59 -15.46 6.27
CA LYS A 173 -33.52 -16.00 5.29
C LYS A 173 -34.36 -14.85 4.73
N GLY A 174 -34.59 -14.90 3.43
CA GLY A 174 -35.21 -13.79 2.71
C GLY A 174 -34.33 -12.57 2.54
N TRP A 175 -33.08 -12.64 2.94
CA TRP A 175 -32.14 -11.53 2.84
C TRP A 175 -30.89 -11.94 2.07
N THR A 176 -31.07 -12.94 1.17
CA THR A 176 -30.01 -13.55 0.40
C THR A 176 -29.39 -12.48 -0.49
N THR A 177 -30.20 -11.68 -1.20
CA THR A 177 -29.60 -10.66 -2.07
C THR A 177 -28.61 -9.69 -1.36
N TYR A 178 -28.77 -9.50 -0.06
CA TYR A 178 -27.91 -8.59 0.68
C TYR A 178 -26.48 -9.02 0.62
N PHE A 179 -26.22 -10.28 0.24
CA PHE A 179 -24.86 -10.79 0.09
C PHE A 179 -24.21 -10.62 -1.30
N LYS A 180 -24.92 -10.07 -2.27
CA LYS A 180 -24.40 -9.96 -3.64
C LYS A 180 -22.95 -9.46 -3.73
N GLY A 181 -22.66 -8.37 -3.06
CA GLY A 181 -21.30 -7.81 -3.19
C GLY A 181 -20.27 -8.78 -2.64
N PHE A 182 -20.54 -9.31 -1.45
CA PHE A 182 -19.66 -10.31 -0.86
C PHE A 182 -19.52 -11.53 -1.78
N HIS A 183 -20.61 -12.00 -2.35
CA HIS A 183 -20.53 -13.10 -3.26
C HIS A 183 -19.65 -12.80 -4.45
N GLU A 184 -19.72 -11.60 -4.99
CA GLU A 184 -18.81 -11.19 -6.03
C GLU A 184 -17.34 -11.26 -5.51
N ASN A 185 -17.10 -10.76 -4.29
CA ASN A 185 -15.79 -10.85 -3.74
C ASN A 185 -15.30 -12.38 -3.69
N ARG A 186 -16.16 -13.26 -3.30
CA ARG A 186 -15.84 -14.62 -3.26
C ARG A 186 -15.61 -15.22 -4.66
N LYS A 187 -16.30 -14.79 -5.67
CA LYS A 187 -16.06 -15.19 -7.00
C LYS A 187 -14.65 -14.78 -7.45
N ASN A 188 -14.10 -13.72 -6.90
CA ASN A 188 -12.75 -13.30 -7.23
C ASN A 188 -11.72 -14.23 -6.62
N VAL A 189 -12.11 -15.06 -5.65
CA VAL A 189 -11.21 -16.02 -5.03
C VAL A 189 -10.99 -17.20 -5.94
N TYR A 190 -11.89 -17.46 -6.88
CA TYR A 190 -11.77 -18.66 -7.76
C TYR A 190 -11.59 -18.28 -9.24
N SER A 191 -11.35 -17.01 -9.53
CA SER A 191 -11.37 -16.58 -10.90
C SER A 191 -10.20 -17.18 -11.68
N SER A 192 -10.51 -17.55 -12.92
CA SER A 192 -9.54 -18.06 -13.83
C SER A 192 -9.00 -16.97 -14.75
N ASN A 193 -9.35 -15.71 -14.53
CA ASN A 193 -8.62 -14.58 -15.13
C ASN A 193 -7.35 -14.31 -14.35
N ASP A 194 -6.67 -13.23 -14.72
CA ASP A 194 -5.42 -12.93 -14.09
C ASP A 194 -5.63 -11.82 -13.13
N ILE A 195 -6.27 -12.12 -12.02
CA ILE A 195 -6.44 -11.12 -10.95
C ILE A 195 -5.80 -11.67 -9.70
N PRO A 196 -5.14 -10.86 -8.88
CA PRO A 196 -4.43 -11.41 -7.74
C PRO A 196 -5.28 -11.90 -6.60
N THR A 197 -6.59 -11.85 -6.79
CA THR A 197 -7.49 -12.16 -5.71
C THR A 197 -7.87 -13.62 -5.73
N SER A 198 -7.26 -14.39 -6.63
CA SER A 198 -7.69 -15.73 -6.85
C SER A 198 -6.60 -16.68 -6.41
N ILE A 199 -7.03 -17.78 -5.84
CA ILE A 199 -6.15 -18.88 -5.47
C ILE A 199 -5.42 -19.41 -6.67
N ILE A 200 -6.00 -19.35 -7.86
CA ILE A 200 -5.29 -19.79 -9.06
C ILE A 200 -4.08 -18.84 -9.31
N TYR A 201 -4.33 -17.58 -9.16
CA TYR A 201 -3.21 -16.64 -9.38
C TYR A 201 -2.18 -16.81 -8.28
N ARG A 202 -2.60 -17.01 -7.06
CA ARG A 202 -1.67 -17.23 -5.96
C ARG A 202 -0.79 -18.46 -6.22
N ILE A 203 -1.36 -19.46 -6.85
CA ILE A 203 -0.63 -20.66 -7.21
C ILE A 203 0.34 -20.47 -8.40
N VAL A 204 -0.19 -19.98 -9.52
CA VAL A 204 0.54 -19.95 -10.75
C VAL A 204 1.35 -18.68 -10.92
N ASP A 205 0.75 -17.55 -10.63
CA ASP A 205 1.45 -16.28 -10.81
C ASP A 205 2.38 -15.97 -9.66
N ASP A 206 1.98 -16.35 -8.46
CA ASP A 206 2.69 -15.90 -7.28
C ASP A 206 3.70 -16.90 -6.84
N ASN A 207 3.24 -18.11 -6.48
CA ASN A 207 4.03 -19.06 -5.76
C ASN A 207 4.86 -19.99 -6.66
N LEU A 208 4.41 -20.34 -7.85
CA LEU A 208 5.15 -21.18 -8.69
C LEU A 208 6.54 -20.60 -9.11
N PRO A 209 6.57 -19.34 -9.47
CA PRO A 209 7.87 -18.77 -9.77
C PRO A 209 8.73 -18.61 -8.54
N LYS A 210 8.14 -18.37 -7.38
CA LYS A 210 8.90 -18.38 -6.12
C LYS A 210 9.57 -19.76 -5.91
N PHE A 211 8.80 -20.82 -6.16
CA PHE A 211 9.28 -22.15 -6.02
C PHE A 211 10.42 -22.48 -7.01
N LEU A 212 10.27 -21.98 -8.22
CA LEU A 212 11.28 -22.24 -9.23
C LEU A 212 12.56 -21.46 -8.92
N GLU A 213 12.45 -20.23 -8.47
CA GLU A 213 13.59 -19.47 -8.03
C GLU A 213 14.25 -20.20 -6.86
N ASN A 214 13.51 -20.74 -5.91
CA ASN A 214 14.13 -21.33 -4.77
C ASN A 214 14.80 -22.63 -5.12
N LYS A 215 14.26 -23.40 -6.06
CA LYS A 215 14.92 -24.63 -6.48
C LYS A 215 16.13 -24.29 -7.30
N ALA A 216 16.13 -23.19 -8.04
CA ALA A 216 17.36 -22.83 -8.77
C ALA A 216 18.43 -22.39 -7.78
N LYS A 217 18.07 -21.63 -6.77
CA LYS A 217 19.04 -21.23 -5.77
C LYS A 217 19.55 -22.46 -5.01
N TYR A 218 18.69 -23.43 -4.74
CA TYR A 218 19.10 -24.60 -4.02
C TYR A 218 20.03 -25.45 -4.89
N GLU A 219 19.79 -25.56 -6.17
CA GLU A 219 20.66 -26.35 -7.01
C GLU A 219 22.04 -25.71 -7.12
N SER A 220 22.08 -24.40 -7.33
CA SER A 220 23.33 -23.66 -7.36
C SER A 220 23.89 -23.37 -5.96
N LEU A 221 23.24 -23.86 -4.91
CA LEU A 221 23.77 -23.75 -3.55
C LEU A 221 24.54 -25.01 -3.14
N LYS A 222 24.19 -26.13 -3.75
CA LYS A 222 24.91 -27.35 -3.47
C LYS A 222 26.31 -27.06 -4.01
N ASP A 223 26.39 -26.64 -5.26
CA ASP A 223 27.66 -26.15 -5.79
C ASP A 223 27.87 -24.78 -5.21
N LYS A 224 29.13 -24.50 -4.91
CA LYS A 224 29.65 -23.22 -4.39
C LYS A 224 29.44 -22.98 -2.90
N ALA A 225 28.70 -23.85 -2.25
CA ALA A 225 28.56 -23.83 -0.79
C ALA A 225 27.93 -25.10 -0.32
N PRO A 226 28.69 -25.90 0.36
CA PRO A 226 28.30 -27.20 0.93
C PRO A 226 29.00 -27.59 2.23
N TYR A 231 25.55 -29.44 8.32
CA TYR A 231 24.27 -29.07 8.84
C TYR A 231 23.08 -29.78 8.18
N GLU A 232 23.28 -30.40 7.02
CA GLU A 232 22.19 -31.01 6.25
C GLU A 232 21.53 -32.19 6.99
N GLN A 233 22.32 -32.92 7.77
CA GLN A 233 21.83 -33.98 8.66
C GLN A 233 20.89 -33.50 9.76
N ILE A 234 20.91 -32.20 10.07
CA ILE A 234 20.04 -31.59 11.08
C ILE A 234 18.63 -31.27 10.49
N LYS A 235 18.26 -32.06 9.49
CA LYS A 235 16.86 -32.39 9.20
C LYS A 235 16.08 -32.82 10.46
N LYS A 236 16.74 -33.46 11.41
CA LYS A 236 16.16 -33.79 12.72
C LYS A 236 15.34 -32.66 13.33
N ASP A 237 15.78 -31.42 13.13
CA ASP A 237 15.12 -30.28 13.74
C ASP A 237 13.70 -30.05 13.24
N LEU A 238 13.43 -30.47 12.01
CA LEU A 238 12.19 -30.14 11.33
C LEU A 238 11.40 -31.41 11.01
N ALA A 239 10.27 -31.59 11.65
CA ALA A 239 9.41 -32.76 11.45
C ALA A 239 8.15 -32.36 10.66
N GLU A 240 8.38 -31.72 9.51
CA GLU A 240 7.29 -31.24 8.62
C GLU A 240 7.70 -31.40 7.15
N GLU A 241 8.39 -32.50 6.88
CA GLU A 241 8.67 -32.93 5.52
C GLU A 241 7.68 -34.02 5.09
N LEU A 242 6.79 -34.42 6.00
CA LEU A 242 5.93 -35.56 5.71
C LEU A 242 4.91 -35.21 4.64
N THR A 243 4.69 -36.14 3.69
CA THR A 243 3.74 -35.93 2.62
C THR A 243 3.41 -37.24 1.88
N PHE A 244 2.78 -37.15 0.71
CA PHE A 244 2.82 -38.20 -0.33
C PHE A 244 3.55 -37.67 -1.58
N ASP A 245 4.65 -38.32 -1.96
CA ASP A 245 5.43 -37.97 -3.16
C ASP A 245 4.56 -37.95 -4.40
N ASP A 246 5.06 -37.27 -5.41
CA ASP A 246 4.30 -37.04 -6.64
C ASP A 246 4.98 -37.62 -7.85
N ASP A 247 6.29 -37.35 -7.95
CA ASP A 247 7.16 -37.85 -9.01
C ASP A 247 7.26 -39.37 -8.95
N TYR A 248 7.70 -39.83 -7.79
CA TYR A 248 7.83 -41.26 -7.55
C TYR A 248 6.44 -41.93 -7.51
N LYS A 249 5.43 -41.27 -6.93
CA LYS A 249 4.11 -41.89 -6.83
C LYS A 249 3.09 -41.05 -7.57
N ASN A 254 3.18 -42.28 -1.36
CA ASN A 254 2.64 -42.74 -0.07
C ASN A 254 3.77 -43.04 0.98
N GLN A 255 4.08 -42.06 1.83
CA GLN A 255 5.39 -42.06 2.55
C GLN A 255 5.32 -41.26 3.84
N ARG A 256 6.48 -41.06 4.45
CA ARG A 256 6.64 -40.40 5.70
C ARG A 256 7.61 -39.21 5.67
N VAL A 257 8.87 -39.31 5.22
CA VAL A 257 9.75 -38.10 5.32
C VAL A 257 10.57 -37.92 4.08
N PHE A 258 10.75 -36.63 3.69
CA PHE A 258 11.42 -36.23 2.45
C PHE A 258 12.77 -35.59 2.70
N SER A 259 13.66 -35.73 1.74
CA SER A 259 14.90 -34.94 1.68
C SER A 259 14.73 -33.57 1.05
N LEU A 260 15.59 -32.64 1.45
CA LEU A 260 15.63 -31.33 0.81
C LEU A 260 15.66 -31.54 -0.68
N ASP A 261 16.46 -32.44 -1.12
CA ASP A 261 16.52 -32.77 -2.51
C ASP A 261 15.20 -33.34 -2.94
N GLU A 262 14.54 -34.10 -2.06
CA GLU A 262 13.25 -34.72 -2.36
C GLU A 262 12.19 -33.65 -2.61
N VAL A 263 12.12 -32.68 -1.70
CA VAL A 263 11.37 -31.43 -1.95
C VAL A 263 12.22 -30.75 -2.99
N PHE A 264 11.70 -29.75 -3.68
CA PHE A 264 12.49 -29.06 -4.72
C PHE A 264 12.48 -29.80 -6.02
N GLU A 265 11.92 -30.98 -6.09
CA GLU A 265 11.66 -31.59 -7.35
C GLU A 265 10.43 -30.81 -7.82
N ILE A 266 10.53 -30.27 -9.01
CA ILE A 266 9.43 -29.56 -9.57
C ILE A 266 8.06 -30.24 -9.38
N ALA A 267 7.91 -31.56 -9.55
CA ALA A 267 6.58 -32.17 -9.35
C ALA A 267 6.12 -32.02 -7.92
N ASN A 268 7.08 -32.05 -6.98
CA ASN A 268 6.78 -31.86 -5.57
C ASN A 268 6.11 -30.55 -5.24
N PHE A 269 6.16 -29.59 -6.17
CA PHE A 269 5.33 -28.38 -6.06
C PHE A 269 3.84 -28.63 -5.81
N ASN A 270 3.29 -29.76 -6.21
CA ASN A 270 1.90 -30.02 -5.90
C ASN A 270 1.64 -30.23 -4.38
N ASN A 271 2.66 -30.11 -3.54
CA ASN A 271 2.45 -30.16 -2.08
C ASN A 271 2.46 -28.83 -1.41
N TYR A 272 2.70 -27.76 -2.14
CA TYR A 272 2.66 -26.41 -1.58
C TYR A 272 1.60 -25.61 -2.32
N LEU A 273 0.48 -26.27 -2.63
CA LEU A 273 -0.69 -25.54 -3.12
C LEU A 273 -1.55 -24.92 -1.97
N ASN A 274 -1.84 -25.73 -0.94
CA ASN A 274 -2.68 -25.37 0.20
C ASN A 274 -1.85 -24.70 1.27
N GLN A 275 -2.51 -24.25 2.33
CA GLN A 275 -1.82 -23.49 3.33
C GLN A 275 -0.98 -24.36 4.23
N SER A 276 -1.37 -25.62 4.44
CA SER A 276 -0.57 -26.52 5.25
C SER A 276 0.79 -26.81 4.56
N GLY A 277 0.72 -27.07 3.27
CA GLY A 277 1.90 -27.31 2.49
C GLY A 277 2.78 -26.06 2.46
N ILE A 278 2.15 -24.90 2.31
CA ILE A 278 2.89 -23.66 2.15
C ILE A 278 3.63 -23.36 3.46
N THR A 279 2.98 -23.51 4.57
CA THR A 279 3.64 -23.24 5.85
C THR A 279 4.63 -24.30 6.15
N LYS A 280 4.49 -25.52 5.69
CA LYS A 280 5.57 -26.54 5.81
C LYS A 280 6.82 -26.06 5.05
N PHE A 281 6.62 -25.70 3.79
CA PHE A 281 7.67 -25.14 2.99
C PHE A 281 8.41 -23.95 3.69
N ASN A 282 7.64 -22.99 4.10
CA ASN A 282 8.21 -21.82 4.75
C ASN A 282 8.93 -22.20 6.03
N THR A 283 8.40 -23.16 6.75
CA THR A 283 9.08 -23.68 7.95
C THR A 283 10.46 -24.25 7.58
N ILE A 284 10.48 -24.99 6.47
CA ILE A 284 11.73 -25.53 5.95
C ILE A 284 12.72 -24.40 5.60
N ILE A 285 12.18 -23.29 5.07
CA ILE A 285 13.03 -22.15 4.79
C ILE A 285 13.64 -21.58 6.07
N GLY A 286 12.95 -21.51 7.20
CA GLY A 286 13.67 -21.06 8.41
C GLY A 286 13.03 -21.19 9.77
N GLY A 287 11.96 -21.95 9.91
CA GLY A 287 11.00 -21.59 10.96
C GLY A 287 10.42 -22.63 11.87
N LYS A 288 11.16 -22.95 12.92
CA LYS A 288 10.55 -23.62 14.04
C LYS A 288 11.03 -23.05 15.36
N PHE A 289 10.18 -23.22 16.37
CA PHE A 289 10.49 -22.96 17.76
C PHE A 289 9.73 -23.99 18.56
N VAL A 290 10.30 -24.38 19.70
CA VAL A 290 9.71 -25.42 20.52
C VAL A 290 9.57 -24.87 21.94
N ASN A 291 8.60 -25.41 22.67
CA ASN A 291 8.46 -25.11 24.08
C ASN A 291 9.67 -25.61 24.88
N GLY A 292 9.95 -24.92 25.97
CA GLY A 292 10.99 -25.34 26.92
C GLY A 292 12.26 -24.50 26.91
N GLU A 293 12.17 -23.28 26.39
CA GLU A 293 13.30 -22.34 26.31
C GLU A 293 14.49 -22.79 25.44
N ASN A 294 14.28 -23.85 24.66
CA ASN A 294 15.33 -24.41 23.82
C ASN A 294 15.64 -23.43 22.70
N THR A 295 16.94 -23.22 22.49
CA THR A 295 17.46 -22.51 21.33
C THR A 295 16.72 -22.78 20.00
N LYS A 296 16.64 -21.74 19.18
CA LYS A 296 15.90 -21.77 17.92
C LYS A 296 16.38 -22.85 16.99
N ARG A 297 15.46 -23.65 16.48
CA ARG A 297 15.78 -24.63 15.42
C ARG A 297 15.94 -23.94 14.07
N LYS A 298 17.02 -24.21 13.35
CA LYS A 298 17.36 -23.47 12.13
C LYS A 298 16.69 -24.02 10.87
N GLY A 299 16.64 -23.17 9.84
CA GLY A 299 16.17 -23.57 8.49
C GLY A 299 17.19 -23.09 7.49
N ILE A 300 16.89 -23.29 6.21
CA ILE A 300 17.90 -23.23 5.14
C ILE A 300 18.54 -21.83 5.10
N ASN A 301 17.67 -20.82 5.16
CA ASN A 301 18.06 -19.45 5.03
C ASN A 301 19.09 -19.09 6.10
N GLU A 302 18.73 -19.45 7.33
CA GLU A 302 19.58 -19.18 8.50
C GLU A 302 20.94 -19.83 8.33
N TYR A 303 20.93 -21.07 7.85
CA TYR A 303 22.16 -21.82 7.61
C TYR A 303 23.04 -21.11 6.60
N ILE A 304 22.41 -20.65 5.53
CA ILE A 304 23.09 -19.92 4.46
C ILE A 304 23.74 -18.67 5.03
N ASN A 305 23.00 -17.95 5.88
CA ASN A 305 23.52 -16.75 6.49
C ASN A 305 24.75 -17.05 7.37
N LEU A 306 24.64 -18.13 8.13
CA LEU A 306 25.67 -18.55 9.04
C LEU A 306 26.96 -18.89 8.30
N TYR A 307 26.80 -19.68 7.28
CA TYR A 307 27.93 -20.08 6.43
C TYR A 307 28.54 -18.87 5.77
N SER A 308 27.73 -17.91 5.31
CA SER A 308 28.29 -16.66 4.79
C SER A 308 29.11 -15.84 5.77
N GLN A 309 28.97 -16.03 7.07
CA GLN A 309 29.65 -15.20 8.06
C GLN A 309 30.61 -16.07 8.86
N ASN A 312 37.70 -16.95 2.73
CA ASN A 312 36.99 -15.72 3.13
C ASN A 312 35.61 -15.61 2.43
N ASP A 313 34.74 -16.55 2.80
CA ASP A 313 33.39 -16.68 2.25
C ASP A 313 32.41 -15.61 2.68
N LYS A 314 32.10 -14.65 1.80
CA LYS A 314 31.17 -13.56 2.18
C LYS A 314 30.22 -13.05 1.07
N THR A 315 29.92 -13.86 0.07
CA THR A 315 29.26 -13.34 -1.13
C THR A 315 27.90 -13.96 -1.48
N LEU A 316 27.35 -14.84 -0.64
CA LEU A 316 26.30 -15.77 -1.13
C LEU A 316 24.89 -15.30 -0.85
N LYS A 317 24.75 -14.06 -0.38
CA LYS A 317 23.44 -13.50 -0.08
C LYS A 317 22.46 -13.58 -1.26
N LYS A 318 22.95 -13.85 -2.47
CA LYS A 318 22.10 -14.16 -3.63
C LYS A 318 21.22 -15.42 -3.51
N TYR A 319 21.54 -16.29 -2.56
CA TYR A 319 20.89 -17.61 -2.50
C TYR A 319 19.75 -17.69 -1.50
N LYS A 320 19.45 -16.58 -0.82
CA LYS A 320 18.37 -16.56 0.19
C LYS A 320 17.05 -16.94 -0.44
N MET A 321 16.47 -18.01 0.08
CA MET A 321 15.24 -18.56 -0.43
C MET A 321 14.13 -17.62 0.01
N SER A 322 13.13 -17.46 -0.84
CA SER A 322 12.07 -16.50 -0.59
C SER A 322 10.82 -17.26 -0.31
N VAL A 323 10.18 -16.87 0.78
CA VAL A 323 9.03 -17.57 1.28
C VAL A 323 7.85 -17.50 0.31
N LEU A 324 7.12 -18.60 0.21
CA LEU A 324 5.85 -18.60 -0.55
C LEU A 324 4.74 -17.75 0.13
N PHE A 325 3.99 -17.00 -0.66
CA PHE A 325 2.91 -16.18 -0.13
C PHE A 325 1.79 -17.07 0.39
N LYS A 326 0.95 -16.54 1.30
CA LYS A 326 -0.13 -17.35 1.87
C LYS A 326 -1.19 -17.69 0.85
N GLN A 327 -1.95 -18.75 1.10
CA GLN A 327 -3.03 -19.09 0.22
C GLN A 327 -4.24 -18.24 0.57
N ILE A 328 -5.06 -17.93 -0.42
CA ILE A 328 -6.15 -16.98 -0.23
C ILE A 328 -7.22 -17.57 0.72
N LEU A 329 -7.70 -16.68 1.60
CA LEU A 329 -8.75 -16.97 2.58
C LEU A 329 -8.27 -17.88 3.68
N SER A 330 -7.02 -18.27 3.70
CA SER A 330 -6.58 -19.29 4.62
C SER A 330 -6.52 -18.73 6.03
N ASP A 331 -7.01 -19.53 6.99
CA ASP A 331 -6.85 -19.24 8.41
C ASP A 331 -5.39 -19.44 8.77
N THR A 332 -4.86 -18.51 9.54
CA THR A 332 -3.45 -18.50 9.88
C THR A 332 -3.00 -19.82 10.57
N GLU A 333 -2.27 -20.63 9.82
CA GLU A 333 -1.81 -21.94 10.32
C GLU A 333 -0.58 -21.73 11.22
N SER A 334 -0.83 -21.72 12.52
CA SER A 334 0.19 -21.38 13.48
C SER A 334 1.31 -22.43 13.50
N LYS A 335 2.55 -21.95 13.50
CA LYS A 335 3.72 -22.79 13.80
C LYS A 335 4.66 -22.05 14.73
N SER A 336 5.74 -22.71 15.12
CA SER A 336 6.73 -22.12 16.02
C SER A 336 6.12 -21.55 17.29
N PHE A 337 5.28 -22.35 17.93
CA PHE A 337 5.02 -22.20 19.35
C PHE A 337 4.46 -20.81 19.73
N VAL A 338 3.23 -20.58 19.31
CA VAL A 338 2.53 -19.34 19.61
C VAL A 338 2.40 -19.10 21.13
N ILE A 339 2.57 -17.85 21.53
CA ILE A 339 2.59 -17.50 22.95
C ILE A 339 1.14 -17.39 23.44
N ASP A 340 0.94 -17.78 24.69
CA ASP A 340 -0.30 -17.65 25.44
C ASP A 340 -0.70 -16.18 25.38
N LYS A 341 -1.93 -15.93 24.97
CA LYS A 341 -2.44 -14.57 24.86
C LYS A 341 -3.37 -14.26 26.01
N LEU A 342 -3.38 -12.98 26.38
CA LEU A 342 -4.22 -12.46 27.46
C LEU A 342 -5.34 -11.61 26.86
N GLU A 343 -6.48 -11.56 27.56
CA GLU A 343 -7.61 -10.77 27.07
C GLU A 343 -8.24 -9.86 28.09
N ASP A 344 -7.64 -9.73 29.27
CA ASP A 344 -8.21 -8.95 30.34
C ASP A 344 -7.12 -8.16 31.04
N ASP A 345 -7.52 -7.12 31.75
CA ASP A 345 -6.74 -6.57 32.80
C ASP A 345 -6.56 -7.56 33.93
N SER A 346 -7.57 -8.38 34.21
CA SER A 346 -7.47 -9.46 35.18
C SER A 346 -6.38 -10.44 34.77
N ASP A 347 -6.18 -10.66 33.46
CA ASP A 347 -5.11 -11.55 33.04
C ASP A 347 -3.74 -10.89 33.27
N VAL A 348 -3.61 -9.61 32.85
CA VAL A 348 -2.36 -8.93 33.01
C VAL A 348 -1.97 -8.71 34.45
N VAL A 349 -2.93 -8.67 35.35
CA VAL A 349 -2.60 -8.72 36.79
C VAL A 349 -2.20 -10.14 37.25
N THR A 350 -3.06 -11.14 36.99
CA THR A 350 -2.91 -12.47 37.58
C THR A 350 -1.56 -13.06 37.20
N THR A 351 -1.16 -12.88 35.94
CA THR A 351 0.07 -13.45 35.45
C THR A 351 1.29 -12.83 36.16
N MET A 352 1.26 -11.50 36.20
CA MET A 352 2.42 -10.75 36.68
C MET A 352 2.60 -10.98 38.19
N GLN A 353 1.50 -10.80 38.91
CA GLN A 353 1.47 -10.96 40.35
C GLN A 353 1.96 -12.38 40.71
N SER A 354 1.34 -13.36 40.05
CA SER A 354 1.76 -14.75 40.28
C SER A 354 3.25 -14.94 40.04
N PHE A 355 3.80 -14.43 38.94
CA PHE A 355 5.21 -14.60 38.71
C PHE A 355 6.09 -13.91 39.74
N TYR A 356 5.77 -12.68 40.11
CA TYR A 356 6.64 -11.90 40.98
C TYR A 356 6.48 -12.32 42.42
N GLU A 357 5.42 -13.01 42.82
CA GLU A 357 5.45 -13.62 44.16
C GLU A 357 6.53 -14.69 44.24
N GLN A 358 6.81 -15.44 43.17
CA GLN A 358 7.77 -16.53 43.18
C GLN A 358 9.21 -16.09 43.36
N ILE A 359 9.48 -14.80 43.20
CA ILE A 359 10.79 -14.24 43.43
C ILE A 359 10.77 -13.36 44.68
N ALA A 360 11.49 -13.76 45.73
CA ALA A 360 12.28 -14.99 45.74
C ALA A 360 11.70 -16.01 46.72
N ALA A 361 10.41 -16.31 46.56
CA ALA A 361 9.73 -17.31 47.39
C ALA A 361 10.20 -18.76 47.14
N PHE A 362 10.50 -19.09 45.89
CA PHE A 362 11.14 -20.39 45.56
C PHE A 362 12.62 -20.32 45.98
N LYS A 363 12.89 -20.67 47.23
CA LYS A 363 14.23 -20.55 47.83
C LYS A 363 15.15 -21.70 47.42
N THR A 364 16.46 -21.42 47.44
CA THR A 364 17.47 -22.43 47.16
C THR A 364 17.92 -23.00 48.50
N LYS A 371 17.17 -13.92 46.34
CA LYS A 371 18.06 -12.76 46.32
C LYS A 371 19.24 -12.97 47.25
N GLU A 372 19.00 -13.26 48.53
CA GLU A 372 20.10 -13.53 49.48
C GLU A 372 20.87 -14.83 49.21
N THR A 373 20.25 -15.75 48.47
CA THR A 373 20.94 -16.95 47.97
C THR A 373 21.70 -16.70 46.65
N LEU A 374 21.91 -15.42 46.28
CA LEU A 374 22.68 -15.05 45.09
C LEU A 374 23.64 -13.89 45.43
N SER A 375 23.15 -12.91 46.18
CA SER A 375 23.93 -11.75 46.50
C SER A 375 25.23 -12.11 47.22
N LEU A 376 25.20 -13.12 48.09
CA LEU A 376 26.39 -13.60 48.75
C LEU A 376 27.34 -14.30 47.80
N LEU A 377 26.83 -14.89 46.72
CA LEU A 377 27.67 -15.50 45.72
C LEU A 377 28.28 -14.44 44.84
N PHE A 378 27.60 -13.32 44.63
CA PHE A 378 28.21 -12.25 43.81
C PHE A 378 29.51 -11.68 44.41
N ASP A 379 29.39 -11.16 45.63
CA ASP A 379 30.55 -10.64 46.35
C ASP A 379 31.38 -11.75 47.07
N ASP A 380 31.26 -13.00 46.59
CA ASP A 380 32.03 -14.14 47.11
C ASP A 380 33.43 -14.11 46.51
N LEU A 381 33.50 -14.17 45.19
CA LEU A 381 34.77 -14.05 44.47
C LEU A 381 35.12 -12.60 44.10
N LYS A 382 34.36 -11.63 44.61
CA LYS A 382 34.57 -10.23 44.29
C LYS A 382 34.70 -9.43 45.58
N LYS A 397 27.56 -12.44 22.16
CA LYS A 397 27.51 -10.99 22.10
C LYS A 397 27.27 -10.33 23.45
N SER A 398 26.82 -11.10 24.44
CA SER A 398 26.72 -10.58 25.79
C SER A 398 28.09 -10.43 26.49
N LEU A 399 29.18 -10.63 25.75
CA LEU A 399 30.52 -10.16 26.09
C LEU A 399 30.63 -8.66 25.78
N THR A 400 29.96 -8.23 24.71
CA THR A 400 30.20 -6.91 24.15
C THR A 400 29.59 -5.81 25.05
N ASP A 401 28.31 -5.98 25.36
CA ASP A 401 27.65 -5.11 26.28
C ASP A 401 28.42 -4.94 27.60
N LEU A 402 29.06 -6.01 28.06
CA LEU A 402 29.87 -5.96 29.25
C LEU A 402 31.04 -4.95 29.07
N SER A 403 31.67 -5.04 27.92
CA SER A 403 32.84 -4.23 27.63
C SER A 403 32.43 -2.75 27.64
N GLN A 404 31.27 -2.46 27.01
CA GLN A 404 30.92 -1.07 26.85
C GLN A 404 30.50 -0.44 28.20
N GLN A 405 29.61 -1.12 28.91
CA GLN A 405 29.05 -0.64 30.12
C GLN A 405 30.00 -0.68 31.30
N VAL A 406 30.80 -1.73 31.40
CA VAL A 406 31.64 -1.95 32.58
C VAL A 406 33.02 -1.30 32.44
N PHE A 407 33.63 -1.37 31.25
CA PHE A 407 34.87 -0.63 30.98
C PHE A 407 34.58 0.57 30.09
N ASP A 408 34.65 1.76 30.69
CA ASP A 408 34.67 3.07 29.97
C ASP A 408 34.18 3.03 28.52
N ASP A 409 34.98 2.41 27.66
CA ASP A 409 34.69 2.30 26.24
C ASP A 409 35.17 0.95 25.72
N TYR A 410 34.96 0.73 24.43
CA TYR A 410 35.41 -0.47 23.76
C TYR A 410 36.92 -0.57 23.70
N LYS A 436 38.84 -3.38 25.18
CA LYS A 436 38.60 -4.43 26.17
C LYS A 436 38.23 -5.76 25.50
N GLU A 437 37.61 -5.68 24.34
CA GLU A 437 37.20 -6.86 23.59
C GLU A 437 38.36 -7.53 22.85
N GLN A 438 39.15 -6.72 22.14
CA GLN A 438 40.27 -7.18 21.36
C GLN A 438 41.44 -7.59 22.22
N GLU A 439 41.58 -7.03 23.42
CA GLU A 439 42.64 -7.39 24.32
C GLU A 439 42.61 -8.85 24.70
N LEU A 440 41.45 -9.50 24.66
CA LEU A 440 41.39 -10.94 24.89
C LEU A 440 41.95 -11.71 23.70
N ILE A 441 41.66 -11.25 22.48
CA ILE A 441 42.18 -11.86 21.29
C ILE A 441 43.68 -11.67 21.17
N ALA A 442 44.18 -10.55 21.70
CA ALA A 442 45.62 -10.28 21.59
C ALA A 442 46.45 -11.33 22.33
N LYS A 443 45.97 -11.82 23.47
CA LYS A 443 46.68 -12.81 24.31
C LYS A 443 46.36 -14.27 23.96
N LYS A 444 45.84 -14.51 22.77
CA LYS A 444 45.56 -15.86 22.28
C LYS A 444 46.21 -16.10 20.92
N THR A 445 46.07 -15.15 19.99
CA THR A 445 46.93 -15.09 18.80
C THR A 445 48.38 -14.88 19.25
N GLU A 446 49.10 -15.62 26.13
CA GLU A 446 50.34 -16.12 25.52
C GLU A 446 50.05 -16.87 24.23
N LYS A 447 50.84 -16.60 23.20
CA LYS A 447 50.63 -17.18 21.87
C LYS A 447 51.13 -18.61 21.82
N ALA A 448 50.44 -19.46 21.04
CA ALA A 448 50.76 -20.89 20.96
C ALA A 448 52.07 -21.11 20.22
N LYS A 449 36.26 -19.28 30.59
CA LYS A 449 35.23 -18.79 31.48
C LYS A 449 35.86 -18.14 32.71
N TYR A 450 35.80 -18.79 33.86
CA TYR A 450 36.21 -18.17 35.13
C TYR A 450 37.74 -18.09 35.28
N LEU A 451 38.42 -19.19 35.01
CA LEU A 451 39.88 -19.24 35.04
C LEU A 451 40.52 -18.76 33.73
N SER A 452 39.77 -18.77 32.63
CA SER A 452 40.30 -18.39 31.31
C SER A 452 40.29 -16.89 31.05
N LEU A 453 39.24 -16.19 31.50
CA LEU A 453 39.09 -14.75 31.21
C LEU A 453 40.09 -13.91 31.99
N GLU A 454 40.34 -14.33 33.23
CA GLU A 454 41.26 -13.62 34.11
C GLU A 454 42.73 -13.71 33.68
N THR A 455 43.06 -14.64 32.80
CA THR A 455 44.46 -14.81 32.36
C THR A 455 45.09 -13.65 31.58
N ILE A 456 44.26 -12.75 31.05
CA ILE A 456 44.78 -11.68 30.20
C ILE A 456 45.50 -10.64 31.06
N LEU A 457 46.54 -10.03 30.49
CA LEU A 457 47.28 -8.96 31.17
C LEU A 457 46.43 -7.72 31.50
N ILE A 469 44.96 -4.66 32.62
CA ILE A 469 43.78 -3.97 32.13
C ILE A 469 42.63 -4.03 33.14
N ASP A 470 42.97 -3.87 34.44
CA ASP A 470 42.02 -3.93 35.56
C ASP A 470 40.91 -4.97 35.37
N LYS A 471 41.32 -6.22 35.20
CA LYS A 471 40.39 -7.34 34.95
C LYS A 471 39.54 -7.67 36.19
N GLN A 472 40.16 -7.73 37.36
CA GLN A 472 39.42 -7.95 38.61
C GLN A 472 38.68 -6.70 39.09
N CYS A 473 39.25 -5.51 38.90
CA CYS A 473 38.61 -4.27 39.37
C CYS A 473 37.25 -4.00 38.71
N ARG A 474 37.11 -4.36 37.45
CA ARG A 474 35.81 -4.30 36.77
C ARG A 474 34.87 -5.29 37.41
N PHE A 475 35.30 -6.55 37.44
CA PHE A 475 34.50 -7.62 38.05
C PHE A 475 34.77 -7.70 39.55
N GLU A 476 34.76 -6.54 40.21
CA GLU A 476 34.56 -6.44 41.66
C GLU A 476 33.55 -5.34 42.05
N GLU A 477 33.20 -4.44 41.13
CA GLU A 477 32.25 -3.37 41.42
C GLU A 477 30.90 -3.54 40.74
N ILE A 478 30.81 -4.37 39.71
CA ILE A 478 29.57 -4.47 38.93
C ILE A 478 28.54 -5.36 39.61
N LEU A 479 28.92 -6.59 39.93
CA LEU A 479 28.03 -7.51 40.60
C LEU A 479 27.89 -7.20 42.10
N ALA A 480 28.61 -6.17 42.59
CA ALA A 480 28.38 -5.66 43.95
C ALA A 480 27.07 -4.85 44.03
N ASN A 481 26.80 -4.01 43.01
CA ASN A 481 25.51 -3.35 42.90
C ASN A 481 24.44 -4.31 42.55
N PHE A 482 24.74 -5.56 42.18
CA PHE A 482 23.68 -6.52 41.83
C PHE A 482 22.77 -6.78 43.01
N ALA A 483 23.33 -6.94 44.20
CA ALA A 483 22.52 -7.04 45.41
C ALA A 483 21.56 -5.85 45.52
N ALA A 484 22.04 -4.67 45.09
CA ALA A 484 21.26 -3.45 45.17
C ALA A 484 20.18 -3.44 44.08
N ILE A 485 20.40 -4.17 42.99
CA ILE A 485 19.45 -4.01 41.88
C ILE A 485 18.11 -4.72 42.14
N PRO A 486 18.12 -6.00 42.55
CA PRO A 486 16.98 -6.57 43.21
C PRO A 486 16.17 -5.70 44.16
N MET A 487 16.80 -5.17 45.20
CA MET A 487 16.09 -4.37 46.18
C MET A 487 15.49 -3.11 45.51
N ILE A 488 16.29 -2.47 44.65
CA ILE A 488 15.81 -1.27 44.00
C ILE A 488 14.61 -1.60 43.14
N PHE A 489 14.55 -2.77 42.51
CA PHE A 489 13.42 -3.11 41.68
C PHE A 489 12.34 -3.87 42.42
N ASP A 490 12.68 -4.67 43.41
CA ASP A 490 11.65 -5.16 44.31
C ASP A 490 10.97 -3.98 45.03
N GLU A 491 11.70 -2.86 45.17
CA GLU A 491 11.11 -1.58 45.60
C GLU A 491 10.58 -0.75 44.43
N ILE A 492 10.83 -1.18 43.19
CA ILE A 492 10.25 -0.52 42.03
C ILE A 492 8.84 -1.02 41.73
N ALA A 493 8.30 -1.86 42.61
CA ALA A 493 6.88 -2.24 42.56
C ALA A 493 5.92 -1.13 43.04
N GLN A 494 6.50 -0.12 43.68
CA GLN A 494 5.84 0.86 44.53
C GLN A 494 4.50 1.34 44.07
N ASN A 495 4.45 1.80 42.83
CA ASN A 495 3.21 2.37 42.34
C ASN A 495 2.37 1.17 42.06
N LYS A 496 2.96 -0.01 42.14
CA LYS A 496 2.36 -1.17 41.52
C LYS A 496 1.16 -1.82 42.23
N ASP A 497 1.32 -2.19 43.50
CA ASP A 497 0.38 -3.08 44.17
C ASP A 497 -0.95 -2.36 44.35
N ASN A 498 -0.81 -1.12 44.81
CA ASN A 498 -1.89 -0.21 45.20
C ASN A 498 -2.32 0.76 44.09
N LEU A 499 -1.34 1.42 43.48
CA LEU A 499 -1.56 2.43 42.45
C LEU A 499 -0.93 1.97 41.16
N ALA A 500 -1.51 2.28 40.01
CA ALA A 500 -0.95 1.77 38.78
C ALA A 500 -0.85 0.27 39.00
N GLN A 501 -1.91 -0.29 39.54
CA GLN A 501 -1.77 -1.28 40.56
C GLN A 501 -3.00 -2.13 40.68
N ILE A 502 -2.84 -3.23 41.39
CA ILE A 502 -3.94 -4.15 41.57
C ILE A 502 -5.06 -3.38 42.24
N SER A 503 -6.28 -3.60 41.80
CA SER A 503 -7.41 -2.93 42.40
C SER A 503 -7.69 -1.54 41.80
N ILE A 504 -7.04 -1.20 40.71
CA ILE A 504 -7.44 -0.05 39.87
C ILE A 504 -7.51 -0.53 38.45
N LYS A 505 -6.56 -1.38 38.05
CA LYS A 505 -6.62 -2.05 36.77
C LYS A 505 -7.25 -3.41 36.86
N TYR A 506 -7.12 -4.07 38.00
CA TYR A 506 -7.56 -5.46 38.18
C TYR A 506 -9.02 -5.61 37.82
N GLN A 507 -9.86 -4.79 38.44
CA GLN A 507 -11.30 -4.90 38.26
C GLN A 507 -11.71 -4.60 36.83
N ASN A 508 -12.41 -5.53 36.18
CA ASN A 508 -12.56 -6.89 36.69
C ASN A 508 -12.43 -7.84 35.50
N GLN A 509 -12.86 -9.08 35.68
CA GLN A 509 -12.90 -10.00 34.55
C GLN A 509 -13.79 -9.46 33.43
N GLY A 510 -13.21 -9.30 32.26
CA GLY A 510 -13.89 -8.75 31.08
C GLY A 510 -13.58 -7.31 30.78
N LYS A 511 -12.67 -6.66 31.53
CA LYS A 511 -12.37 -5.23 31.33
C LYS A 511 -11.02 -5.03 30.64
N LYS A 512 -10.93 -4.04 29.74
CA LYS A 512 -9.69 -3.72 28.98
C LYS A 512 -9.33 -2.25 29.12
N ASP A 513 -9.34 -1.77 30.35
CA ASP A 513 -9.19 -0.34 30.63
C ASP A 513 -7.78 0.19 30.40
N LEU A 514 -6.79 -0.70 30.36
CA LEU A 514 -5.43 -0.28 30.02
C LEU A 514 -5.43 0.20 28.59
N LEU A 515 -4.25 0.41 28.01
CA LEU A 515 -4.14 0.71 26.59
C LEU A 515 -5.13 1.75 26.02
N GLN A 516 -5.64 2.64 26.89
CA GLN A 516 -6.63 3.60 26.49
C GLN A 516 -6.13 5.04 26.40
N ALA A 517 -4.83 5.23 26.63
CA ALA A 517 -4.08 6.51 26.64
C ALA A 517 -4.26 7.35 27.92
N SER A 518 -5.09 6.84 28.81
CA SER A 518 -5.33 7.42 30.10
C SER A 518 -4.37 6.64 30.92
N ALA A 519 -4.42 5.33 30.76
CA ALA A 519 -3.46 4.49 31.42
C ALA A 519 -1.99 4.61 30.92
N GLU A 520 -1.66 5.68 30.21
CA GLU A 520 -0.35 5.82 29.60
C GLU A 520 0.71 5.91 30.72
N ASP A 521 0.46 6.73 31.73
CA ASP A 521 1.39 6.84 32.83
C ASP A 521 1.38 5.64 33.72
N ASP A 522 0.34 4.81 33.71
CA ASP A 522 0.33 3.57 34.45
C ASP A 522 1.06 2.49 33.70
N VAL A 523 0.93 2.40 32.37
CA VAL A 523 1.78 1.49 31.62
C VAL A 523 3.20 1.93 31.65
N LYS A 524 3.52 3.21 31.88
CA LYS A 524 4.91 3.61 32.08
C LYS A 524 5.50 2.86 33.27
N ALA A 525 4.71 2.76 34.33
CA ALA A 525 5.15 2.07 35.54
C ALA A 525 5.21 0.55 35.27
N ILE A 526 4.12 0.01 34.72
CA ILE A 526 4.02 -1.39 34.50
C ILE A 526 5.24 -1.88 33.64
N LYS A 527 5.42 -1.23 32.50
CA LYS A 527 6.50 -1.53 31.62
C LYS A 527 7.84 -1.26 32.25
N ASP A 528 7.95 -0.27 33.15
CA ASP A 528 9.19 0.00 33.82
C ASP A 528 9.59 -1.20 34.67
N LEU A 529 8.65 -1.65 35.54
CA LEU A 529 8.91 -2.80 36.36
C LEU A 529 9.20 -4.06 35.47
N LEU A 530 8.53 -4.19 34.34
CA LEU A 530 8.83 -5.28 33.47
C LEU A 530 10.23 -5.33 32.88
N ASP A 531 10.67 -4.21 32.32
CA ASP A 531 12.00 -4.18 31.66
C ASP A 531 13.15 -3.91 32.62
N GLN A 532 12.83 -3.62 33.86
CA GLN A 532 13.79 -3.44 34.92
C GLN A 532 14.27 -4.88 35.15
N THR A 533 13.33 -5.72 35.55
CA THR A 533 13.52 -7.14 35.76
C THR A 533 14.22 -7.69 34.54
N ASN A 534 13.64 -7.43 33.37
CA ASN A 534 14.16 -7.96 32.12
C ASN A 534 15.67 -7.74 31.98
N ASN A 535 16.09 -6.49 31.82
CA ASN A 535 17.49 -6.19 31.62
C ASN A 535 18.34 -6.85 32.74
N LEU A 536 17.84 -6.64 33.98
CA LEU A 536 18.57 -7.19 35.12
C LEU A 536 18.90 -8.66 34.96
N LEU A 537 17.88 -9.50 34.84
CA LEU A 537 18.17 -10.93 34.67
C LEU A 537 18.83 -11.26 33.35
N HIS A 538 18.42 -10.67 32.24
CA HIS A 538 19.08 -10.98 30.98
C HIS A 538 20.55 -10.48 30.94
N LYS A 539 21.01 -9.94 32.05
CA LYS A 539 22.40 -9.61 32.28
C LYS A 539 23.03 -10.71 33.14
N LEU A 540 22.37 -11.88 33.18
CA LEU A 540 22.83 -13.01 34.00
C LEU A 540 23.33 -14.16 33.16
N LYS A 541 22.91 -14.26 31.88
CA LYS A 541 23.31 -15.39 31.04
C LYS A 541 24.58 -15.18 30.28
N ILE A 542 25.36 -14.25 30.76
CA ILE A 542 26.68 -13.94 30.32
C ILE A 542 27.49 -15.16 30.74
N PHE A 543 27.23 -15.61 31.96
CA PHE A 543 27.55 -16.97 32.37
C PHE A 543 26.76 -18.01 31.58
N HIS A 544 25.54 -17.68 31.16
CA HIS A 544 24.47 -18.49 31.56
C HIS A 544 24.47 -19.84 30.96
N ILE A 545 25.08 -19.94 29.80
CA ILE A 545 24.43 -20.54 28.66
C ILE A 545 24.53 -22.07 28.64
N SER A 546 23.46 -22.74 28.22
CA SER A 546 23.33 -24.19 28.47
C SER A 546 22.28 -24.84 27.59
N GLN A 547 22.32 -26.17 27.54
CA GLN A 547 21.38 -27.03 26.82
C GLN A 547 21.44 -26.85 25.29
N SER A 548 22.60 -27.11 24.69
CA SER A 548 22.76 -27.13 23.23
C SER A 548 23.09 -28.54 22.77
N GLU A 549 24.12 -29.72 25.80
CA GLU A 549 25.58 -29.62 25.80
C GLU A 549 26.09 -29.18 27.16
N ASP A 550 33.53 -28.16 27.67
CA ASP A 550 32.16 -28.42 28.10
C ASP A 550 32.13 -29.59 29.10
N LYS A 551 33.32 -27.61 31.39
CA LYS A 551 33.07 -28.55 32.48
C LYS A 551 31.96 -28.08 33.40
N ALA A 552 35.77 -25.34 33.13
CA ALA A 552 35.89 -24.43 34.28
C ALA A 552 34.91 -23.24 34.17
N ASP A 558 30.47 -28.14 36.92
CA ASP A 558 31.21 -27.24 37.78
C ASP A 558 30.38 -26.90 39.02
N GLU A 559 31.03 -26.88 40.17
CA GLU A 559 30.34 -26.55 41.43
C GLU A 559 30.18 -25.04 41.53
N HIS A 560 29.16 -24.61 42.28
CA HIS A 560 28.76 -23.18 42.40
C HIS A 560 28.40 -22.53 41.05
N PHE A 561 28.10 -23.35 40.05
CA PHE A 561 27.77 -22.92 38.70
C PHE A 561 26.53 -23.66 38.20
N TYR A 562 26.46 -24.97 38.44
CA TYR A 562 25.29 -25.79 38.10
C TYR A 562 24.31 -25.94 39.26
N LEU A 563 24.77 -25.77 40.50
CA LEU A 563 23.81 -25.62 41.59
C LEU A 563 22.91 -24.45 41.27
N VAL A 564 23.54 -23.35 40.91
CA VAL A 564 22.93 -22.05 41.14
C VAL A 564 22.19 -21.71 39.89
N PHE A 565 22.84 -21.91 38.78
CA PHE A 565 22.30 -21.67 37.50
C PHE A 565 22.28 -23.08 36.91
N GLU A 566 21.11 -23.57 36.50
CA GLU A 566 20.05 -22.71 36.00
C GLU A 566 18.98 -22.43 37.06
N GLU A 567 19.18 -22.95 38.26
CA GLU A 567 18.08 -23.01 39.24
C GLU A 567 17.63 -21.62 39.61
N CYS A 568 18.57 -20.72 39.81
CA CYS A 568 18.31 -19.28 39.80
C CYS A 568 17.81 -18.82 38.45
N TYR A 569 18.45 -19.27 37.39
CA TYR A 569 18.12 -18.74 36.07
C TYR A 569 16.80 -19.27 35.48
N PHE A 570 16.53 -20.56 35.64
CA PHE A 570 15.34 -21.16 35.05
C PHE A 570 14.08 -20.76 35.81
N GLU A 571 14.22 -20.28 37.05
CA GLU A 571 13.08 -19.71 37.79
C GLU A 571 12.89 -18.21 37.47
N LEU A 572 13.96 -17.52 37.09
CA LEU A 572 13.89 -16.09 36.71
C LEU A 572 13.41 -15.92 35.27
N ALA A 573 13.83 -16.83 34.40
CA ALA A 573 13.57 -16.74 32.96
C ALA A 573 12.10 -16.80 32.58
N ASN A 574 11.22 -17.02 33.55
CA ASN A 574 9.78 -16.88 33.34
C ASN A 574 9.30 -15.46 33.00
N ILE A 575 10.23 -14.52 32.86
CA ILE A 575 9.93 -13.11 32.63
C ILE A 575 9.71 -12.81 31.14
N VAL A 576 10.55 -13.36 30.27
CA VAL A 576 10.47 -13.07 28.88
C VAL A 576 9.13 -13.47 28.23
N PRO A 577 8.58 -14.63 28.61
CA PRO A 577 7.27 -14.94 28.05
C PRO A 577 6.17 -14.06 28.62
N LEU A 578 6.32 -13.72 29.91
CA LEU A 578 5.39 -12.77 30.53
C LEU A 578 5.55 -11.39 29.91
N TYR A 579 6.77 -10.97 29.60
CA TYR A 579 7.01 -9.72 28.92
C TYR A 579 6.28 -9.69 27.56
N ASN A 580 6.41 -10.79 26.83
CA ASN A 580 5.76 -10.93 25.55
C ASN A 580 4.21 -10.86 25.72
N LYS A 581 3.76 -11.57 26.72
CA LYS A 581 2.34 -11.71 27.03
C LYS A 581 1.72 -10.33 27.27
N ILE A 582 2.42 -9.53 28.09
CA ILE A 582 1.93 -8.23 28.45
C ILE A 582 2.01 -7.27 27.23
N ARG A 583 3.14 -7.36 26.49
CA ARG A 583 3.33 -6.44 25.41
C ARG A 583 2.26 -6.67 24.34
N ASN A 584 1.94 -7.93 24.04
CA ASN A 584 0.95 -8.19 23.02
C ASN A 584 -0.45 -7.81 23.42
N TYR A 585 -0.70 -7.47 24.69
CA TYR A 585 -1.98 -6.96 25.10
C TYR A 585 -2.02 -5.41 25.16
N ILE A 586 -0.98 -4.80 25.70
CA ILE A 586 -0.93 -3.34 25.88
C ILE A 586 -0.83 -2.60 24.56
N THR A 587 -0.06 -3.13 23.63
CA THR A 587 0.17 -2.47 22.35
C THR A 587 -1.01 -2.64 21.40
N GLN A 588 -2.11 -3.25 21.85
CA GLN A 588 -3.32 -3.28 21.04
C GLN A 588 -3.95 -1.89 20.97
N LYS A 589 -4.89 -1.84 20.04
CA LYS A 589 -5.69 -0.66 19.80
C LYS A 589 -7.13 -0.97 20.21
N PRO A 590 -7.75 -0.03 20.92
CA PRO A 590 -9.15 -0.19 21.31
C PRO A 590 -10.13 -0.03 20.14
N TYR A 591 -11.24 -0.75 20.16
CA TYR A 591 -12.19 -0.63 19.03
C TYR A 591 -12.85 0.75 19.04
N SER A 592 -13.19 1.27 17.86
CA SER A 592 -13.60 2.66 17.74
C SER A 592 -14.96 2.96 18.38
N ASP A 593 -16.04 2.26 18.04
CA ASP A 593 -16.16 1.30 16.93
C ASP A 593 -17.17 1.91 15.95
N GLU A 594 -16.74 2.33 14.77
CA GLU A 594 -17.63 3.04 13.86
C GLU A 594 -17.15 2.96 12.45
N LYS A 595 -18.03 3.13 11.45
CA LYS A 595 -19.48 3.36 11.58
C LYS A 595 -20.24 2.35 10.76
N PHE A 596 -21.56 2.42 10.69
CA PHE A 596 -22.31 1.30 10.10
C PHE A 596 -23.30 1.74 9.06
N LYS A 597 -23.80 0.75 8.33
CA LYS A 597 -24.66 0.93 7.21
C LYS A 597 -26.08 0.94 7.66
N LEU A 598 -26.85 1.91 7.17
CA LEU A 598 -28.31 1.92 7.41
C LEU A 598 -29.02 1.39 6.18
N ASN A 599 -30.01 0.57 6.41
CA ASN A 599 -30.83 0.02 5.36
C ASN A 599 -32.30 0.40 5.37
N PHE A 600 -32.84 0.95 6.48
CA PHE A 600 -34.27 1.32 6.56
C PHE A 600 -35.19 0.17 6.15
N GLU A 601 -34.96 -1.00 6.76
CA GLU A 601 -35.79 -2.18 6.57
C GLU A 601 -35.90 -2.67 5.11
N ASN A 602 -34.98 -2.25 4.23
CA ASN A 602 -35.05 -2.67 2.82
C ASN A 602 -33.68 -3.16 2.44
N SER A 603 -33.61 -4.39 1.91
CA SER A 603 -32.29 -4.94 1.58
C SER A 603 -31.73 -4.28 0.33
N THR A 604 -32.59 -3.72 -0.52
CA THR A 604 -32.15 -3.08 -1.77
C THR A 604 -32.18 -1.55 -1.73
N LEU A 605 -31.76 -0.98 -0.61
CA LEU A 605 -31.87 0.47 -0.41
C LEU A 605 -30.96 1.27 -1.34
N ALA A 606 -31.54 2.24 -2.05
CA ALA A 606 -30.85 3.14 -2.96
C ALA A 606 -30.06 2.36 -4.01
N ASN A 607 -30.52 1.13 -4.30
CA ASN A 607 -29.85 0.35 -5.31
C ASN A 607 -30.12 0.86 -6.73
N GLY A 608 -30.98 1.85 -6.93
CA GLY A 608 -31.16 2.36 -8.29
C GLY A 608 -32.29 3.32 -8.34
N TRP A 609 -32.02 4.52 -8.81
CA TRP A 609 -32.96 5.64 -8.74
C TRP A 609 -34.07 5.68 -9.80
N ASP A 610 -34.19 4.69 -10.67
CA ASP A 610 -35.19 4.74 -11.66
C ASP A 610 -36.59 4.79 -11.02
N LYS A 611 -37.47 5.56 -11.65
CA LYS A 611 -38.85 5.69 -11.25
C LYS A 611 -39.52 4.33 -11.00
N ASN A 612 -39.35 3.39 -11.91
CA ASN A 612 -40.05 2.13 -11.79
C ASN A 612 -39.52 1.32 -10.65
N LYS A 613 -38.42 1.72 -10.08
CA LYS A 613 -37.91 1.01 -8.96
C LYS A 613 -38.02 1.73 -7.64
N GLU A 614 -38.74 2.84 -7.62
CA GLU A 614 -39.17 3.53 -6.37
C GLU A 614 -39.69 2.64 -5.26
N PRO A 615 -40.73 1.86 -5.53
CA PRO A 615 -41.23 1.01 -4.46
C PRO A 615 -40.29 -0.11 -3.97
N ASP A 616 -39.32 -0.49 -4.82
CA ASP A 616 -38.37 -1.58 -4.51
C ASP A 616 -37.13 -1.08 -3.82
N ASN A 617 -36.70 0.10 -4.24
CA ASN A 617 -35.52 0.69 -3.66
C ASN A 617 -35.73 1.88 -2.75
N THR A 618 -36.95 2.47 -2.76
CA THR A 618 -37.45 3.26 -1.64
C THR A 618 -36.70 4.57 -1.35
N ALA A 619 -35.92 5.07 -2.30
CA ALA A 619 -35.11 6.28 -2.06
C ALA A 619 -35.39 7.25 -3.16
N ILE A 620 -35.70 8.51 -2.79
CA ILE A 620 -36.10 9.56 -3.71
C ILE A 620 -35.30 10.82 -3.44
N LEU A 621 -35.07 11.61 -4.47
CA LEU A 621 -34.42 12.89 -4.31
C LEU A 621 -35.37 14.09 -4.54
N PHE A 622 -35.18 15.12 -3.76
CA PHE A 622 -36.02 16.30 -3.86
C PHE A 622 -35.16 17.57 -3.85
N ILE A 623 -35.70 18.61 -4.45
CA ILE A 623 -35.07 19.93 -4.45
C ILE A 623 -36.10 20.98 -4.06
N LYS A 624 -35.69 21.83 -3.12
CA LYS A 624 -36.55 22.87 -2.63
C LYS A 624 -35.70 24.01 -2.17
N ASP A 625 -35.99 25.20 -2.71
CA ASP A 625 -35.35 26.44 -2.29
C ASP A 625 -33.82 26.31 -2.44
N ASP A 626 -33.43 25.69 -3.54
CA ASP A 626 -32.03 25.43 -3.83
C ASP A 626 -31.26 24.68 -2.72
N LYS A 627 -31.97 23.79 -2.06
CA LYS A 627 -31.41 22.86 -1.11
C LYS A 627 -31.87 21.46 -1.52
N TYR A 628 -30.97 20.49 -1.39
CA TYR A 628 -31.19 19.15 -1.91
C TYR A 628 -31.58 18.23 -0.75
N TYR A 629 -32.55 17.35 -0.99
CA TYR A 629 -33.06 16.47 0.04
C TYR A 629 -33.08 15.03 -0.44
N LEU A 630 -32.86 14.08 0.48
CA LEU A 630 -33.09 12.69 0.18
C LEU A 630 -34.23 12.18 1.03
N GLY A 631 -35.20 11.58 0.37
CA GLY A 631 -36.31 10.94 1.04
C GLY A 631 -36.18 9.43 0.93
N VAL A 632 -36.33 8.73 2.05
CA VAL A 632 -36.39 7.28 2.10
C VAL A 632 -37.80 6.90 2.55
N MET A 633 -38.60 6.33 1.67
CA MET A 633 -39.93 5.90 2.03
C MET A 633 -39.89 4.82 3.12
N ASN A 634 -40.90 4.77 3.97
CA ASN A 634 -41.15 3.58 4.76
C ASN A 634 -41.55 2.46 3.81
N LYS A 635 -40.90 1.30 3.94
CA LYS A 635 -41.05 0.20 3.00
C LYS A 635 -42.48 -0.29 2.95
N LYS A 636 -43.20 -0.05 4.03
CA LYS A 636 -44.58 -0.49 4.18
C LYS A 636 -45.52 0.55 3.58
N ASN A 637 -44.96 1.70 3.16
CA ASN A 637 -45.72 2.75 2.45
C ASN A 637 -45.04 3.08 1.12
N ASN A 638 -44.63 2.05 0.40
CA ASN A 638 -43.77 2.21 -0.79
C ASN A 638 -44.48 2.80 -2.01
N LYS A 639 -45.81 2.88 -1.96
CA LYS A 639 -46.59 3.47 -3.04
C LYS A 639 -47.02 4.90 -2.70
N ILE A 640 -46.23 5.58 -1.88
CA ILE A 640 -46.54 6.89 -1.39
C ILE A 640 -46.14 7.97 -2.40
N PHE A 641 -45.49 7.60 -3.49
CA PHE A 641 -45.23 8.54 -4.56
C PHE A 641 -45.56 7.97 -5.90
N ASP A 642 -46.62 7.19 -6.01
CA ASP A 642 -47.05 6.70 -7.31
C ASP A 642 -47.68 7.79 -8.22
N ASP A 643 -48.11 7.41 -9.41
CA ASP A 643 -48.65 8.37 -10.36
C ASP A 643 -49.91 9.04 -9.83
N LYS A 644 -50.74 8.25 -9.13
CA LYS A 644 -51.93 8.82 -8.50
C LYS A 644 -51.53 9.81 -7.39
N ALA A 645 -50.50 9.46 -6.64
CA ALA A 645 -50.05 10.35 -5.58
C ALA A 645 -49.45 11.62 -6.16
N ILE A 646 -48.75 11.50 -7.28
CA ILE A 646 -48.10 12.67 -7.86
C ILE A 646 -49.19 13.60 -8.43
N LYS A 647 -50.17 13.03 -9.11
CA LYS A 647 -51.19 13.87 -9.72
C LYS A 647 -52.03 14.54 -8.62
N GLU A 648 -52.42 13.77 -7.61
CA GLU A 648 -53.23 14.34 -6.56
C GLU A 648 -52.57 15.46 -5.82
N ASN A 649 -51.31 15.28 -5.48
CA ASN A 649 -50.60 16.26 -4.70
C ASN A 649 -49.67 17.12 -5.54
N LYS A 650 -49.99 17.24 -6.82
CA LYS A 650 -49.36 18.22 -7.73
C LYS A 650 -49.44 19.64 -7.25
N GLY A 651 -48.31 20.22 -6.93
CA GLY A 651 -48.32 21.56 -6.43
C GLY A 651 -46.97 22.10 -6.14
N GLU A 652 -46.84 23.40 -6.14
CA GLU A 652 -45.62 24.04 -5.74
C GLU A 652 -45.18 23.72 -4.30
N GLY A 653 -44.04 23.05 -4.21
CA GLY A 653 -43.44 22.75 -2.91
C GLY A 653 -42.07 22.11 -3.05
N TYR A 654 -42.03 20.80 -3.16
CA TYR A 654 -40.80 20.06 -3.43
C TYR A 654 -40.75 19.72 -4.91
N LYS A 655 -39.53 19.72 -5.45
CA LYS A 655 -39.28 19.21 -6.79
C LYS A 655 -38.69 17.79 -6.67
N LYS A 656 -39.52 16.78 -6.97
CA LYS A 656 -39.08 15.41 -6.95
C LYS A 656 -38.33 15.09 -8.22
N ILE A 657 -37.25 14.30 -8.08
CA ILE A 657 -36.44 13.84 -9.22
C ILE A 657 -37.09 12.67 -9.88
N VAL A 658 -37.25 12.74 -11.18
CA VAL A 658 -37.74 11.63 -11.95
C VAL A 658 -36.61 11.15 -12.82
N TYR A 659 -36.05 9.99 -12.44
CA TYR A 659 -34.85 9.37 -13.03
C TYR A 659 -35.27 8.18 -13.93
N LYS A 660 -34.77 8.18 -15.17
CA LYS A 660 -34.95 7.08 -16.12
C LYS A 660 -33.61 6.68 -16.69
N LEU A 661 -33.35 5.37 -16.67
CA LEU A 661 -32.02 4.78 -17.00
C LEU A 661 -32.20 3.50 -17.71
N LEU A 662 -31.31 3.27 -18.68
CA LEU A 662 -31.26 2.04 -19.48
C LEU A 662 -29.81 1.60 -19.44
N PRO A 663 -29.44 0.78 -18.43
CA PRO A 663 -28.05 0.47 -18.14
C PRO A 663 -27.70 -0.81 -18.80
N GLY A 664 -26.41 -0.92 -19.14
CA GLY A 664 -25.86 -2.03 -19.88
C GLY A 664 -26.73 -2.55 -21.02
N ALA A 665 -26.78 -1.82 -22.11
CA ALA A 665 -27.76 -2.19 -23.14
C ALA A 665 -27.48 -3.55 -23.74
N ASN A 666 -26.20 -3.91 -23.82
CA ASN A 666 -25.85 -5.26 -24.31
C ASN A 666 -26.57 -6.37 -23.61
N LYS A 667 -26.80 -6.18 -22.31
CA LYS A 667 -27.55 -7.10 -21.51
C LYS A 667 -29.01 -6.76 -21.56
N MET A 668 -29.35 -5.49 -21.39
CA MET A 668 -30.75 -5.16 -21.13
C MET A 668 -31.60 -5.47 -22.35
N LEU A 669 -31.15 -5.13 -23.56
CA LEU A 669 -32.00 -5.22 -24.71
C LEU A 669 -32.51 -6.62 -25.05
N PRO A 670 -31.60 -7.60 -25.17
CA PRO A 670 -32.07 -8.95 -25.42
C PRO A 670 -32.73 -9.56 -24.23
N LYS A 671 -32.43 -9.10 -22.98
CA LYS A 671 -33.15 -9.55 -21.83
C LYS A 671 -34.64 -9.27 -22.04
N VAL A 672 -34.96 -8.07 -22.49
CA VAL A 672 -36.35 -7.69 -22.61
C VAL A 672 -36.97 -8.21 -23.87
N PHE A 673 -36.33 -8.02 -25.01
CA PHE A 673 -36.98 -8.29 -26.28
C PHE A 673 -37.09 -9.79 -26.51
N PHE A 674 -36.15 -10.56 -25.96
CA PHE A 674 -36.16 -12.03 -26.19
C PHE A 674 -36.61 -12.78 -24.95
N SER A 675 -37.29 -12.08 -24.04
CA SER A 675 -37.81 -12.73 -22.86
C SER A 675 -38.98 -13.64 -23.25
N ALA A 676 -39.28 -14.59 -22.35
CA ALA A 676 -40.44 -15.42 -22.43
C ALA A 676 -41.68 -14.55 -22.51
N LYS A 677 -41.68 -13.50 -21.70
CA LYS A 677 -42.80 -12.63 -21.48
C LYS A 677 -43.18 -11.94 -22.75
N SER A 678 -42.22 -11.54 -23.59
CA SER A 678 -42.48 -10.57 -24.67
C SER A 678 -42.07 -10.97 -26.07
N ILE A 679 -41.41 -12.13 -26.23
CA ILE A 679 -40.78 -12.47 -27.49
C ILE A 679 -41.87 -12.59 -28.55
N LYS A 680 -43.10 -12.98 -28.21
CA LYS A 680 -44.19 -12.97 -29.19
C LYS A 680 -44.49 -11.58 -29.67
N PHE A 681 -44.58 -10.62 -28.75
CA PHE A 681 -44.93 -9.22 -29.09
C PHE A 681 -43.85 -8.59 -29.94
N TYR A 682 -42.60 -8.68 -29.49
CA TYR A 682 -41.48 -8.15 -30.25
C TYR A 682 -41.21 -8.95 -31.50
N ASN A 683 -41.61 -10.21 -31.53
CA ASN A 683 -41.70 -11.01 -32.75
C ASN A 683 -40.45 -11.01 -33.61
N PRO A 684 -39.33 -11.49 -33.06
CA PRO A 684 -38.15 -11.57 -33.90
C PRO A 684 -38.32 -12.60 -35.00
N SER A 685 -37.72 -12.27 -36.15
CA SER A 685 -37.70 -13.15 -37.31
C SER A 685 -36.83 -14.39 -37.00
N GLU A 686 -37.17 -15.49 -37.64
CA GLU A 686 -36.37 -16.69 -37.67
C GLU A 686 -34.93 -16.35 -38.02
N ASP A 687 -34.73 -15.40 -38.92
CA ASP A 687 -33.39 -15.03 -39.33
C ASP A 687 -32.65 -14.34 -38.17
N ILE A 688 -33.30 -13.36 -37.54
CA ILE A 688 -32.78 -12.69 -36.40
C ILE A 688 -32.41 -13.67 -35.29
N LEU A 689 -33.30 -14.64 -35.06
CA LEU A 689 -33.03 -15.69 -34.09
C LEU A 689 -31.79 -16.44 -34.49
N ARG A 690 -31.64 -16.76 -35.77
CA ARG A 690 -30.44 -17.44 -36.25
C ARG A 690 -29.19 -16.63 -35.91
N ILE A 691 -29.32 -15.34 -36.07
CA ILE A 691 -28.22 -14.41 -35.88
C ILE A 691 -27.75 -14.50 -34.44
N ARG A 692 -28.67 -14.64 -33.49
CA ARG A 692 -28.29 -14.66 -32.09
C ARG A 692 -28.49 -15.92 -31.28
N ASN A 693 -28.99 -17.01 -31.91
CA ASN A 693 -29.31 -18.34 -31.20
C ASN A 693 -28.82 -18.44 -29.77
N HIS A 694 -27.77 -19.22 -29.49
CA HIS A 694 -27.28 -19.10 -28.14
C HIS A 694 -25.90 -18.91 -27.55
N SER A 695 -24.85 -19.48 -28.09
CA SER A 695 -23.52 -19.15 -27.56
C SER A 695 -23.22 -17.74 -27.99
N THR A 696 -22.59 -16.96 -27.14
CA THR A 696 -22.24 -15.61 -27.55
C THR A 696 -20.97 -15.19 -26.93
N HIS A 697 -20.02 -14.86 -27.78
CA HIS A 697 -18.71 -14.49 -27.35
C HIS A 697 -18.30 -13.15 -27.91
N THR A 698 -17.29 -12.57 -27.32
CA THR A 698 -16.82 -11.30 -27.82
C THR A 698 -15.82 -11.49 -28.98
N LYS A 699 -16.39 -11.61 -30.17
CA LYS A 699 -15.62 -11.60 -31.39
C LYS A 699 -16.25 -10.73 -32.42
N ASN A 700 -17.32 -11.22 -33.02
CA ASN A 700 -18.27 -10.44 -33.68
C ASN A 700 -19.12 -9.95 -32.55
N GLY A 701 -19.55 -8.71 -32.54
CA GLY A 701 -20.40 -8.34 -31.44
C GLY A 701 -21.63 -9.16 -31.34
N SER A 702 -22.44 -9.10 -32.38
CA SER A 702 -23.75 -9.81 -32.34
C SER A 702 -24.25 -10.54 -33.56
N PRO A 703 -23.37 -10.94 -34.44
CA PRO A 703 -23.67 -11.74 -35.63
C PRO A 703 -23.47 -13.27 -35.62
N GLN A 704 -23.35 -13.91 -34.47
CA GLN A 704 -23.06 -15.37 -34.37
C GLN A 704 -24.25 -16.22 -33.93
N LYS A 705 -24.68 -17.17 -34.76
CA LYS A 705 -25.84 -18.00 -34.37
C LYS A 705 -25.94 -19.45 -34.90
N GLY A 706 -25.05 -20.34 -34.47
CA GLY A 706 -25.25 -21.77 -34.72
C GLY A 706 -25.32 -22.61 -33.44
N TYR A 707 -25.38 -21.91 -32.28
CA TYR A 707 -25.19 -22.33 -30.86
C TYR A 707 -23.73 -22.60 -30.43
N GLU A 708 -22.84 -22.37 -31.40
CA GLU A 708 -21.40 -22.31 -31.37
C GLU A 708 -21.13 -21.00 -32.12
N LYS A 709 -20.20 -20.20 -31.63
CA LYS A 709 -19.97 -18.89 -32.23
C LYS A 709 -19.59 -18.97 -33.71
N PHE A 710 -20.21 -18.12 -34.52
CA PHE A 710 -19.90 -17.99 -35.94
C PHE A 710 -19.24 -16.64 -36.13
N GLU A 711 -18.28 -16.60 -37.04
CA GLU A 711 -17.44 -15.42 -37.26
C GLU A 711 -18.35 -14.20 -37.59
N PHE A 712 -17.79 -13.01 -37.46
CA PHE A 712 -18.52 -11.76 -37.70
C PHE A 712 -19.07 -11.57 -39.12
N ASN A 713 -20.38 -11.41 -39.23
CA ASN A 713 -21.05 -10.94 -40.44
C ASN A 713 -21.63 -9.55 -40.21
N ILE A 714 -21.01 -8.51 -40.75
CA ILE A 714 -21.40 -7.12 -40.54
C ILE A 714 -22.84 -6.84 -41.04
N GLU A 715 -23.33 -7.61 -41.99
CA GLU A 715 -24.67 -7.39 -42.45
C GLU A 715 -25.71 -7.77 -41.39
N ASP A 716 -25.48 -8.93 -40.76
CA ASP A 716 -26.32 -9.37 -39.66
C ASP A 716 -26.20 -8.49 -38.45
N CYS A 717 -25.09 -7.79 -38.26
CA CYS A 717 -25.01 -6.80 -37.19
C CYS A 717 -25.98 -5.64 -37.47
N ARG A 718 -26.00 -5.16 -38.71
CA ARG A 718 -26.94 -4.12 -39.06
C ARG A 718 -28.37 -4.59 -38.94
N LYS A 719 -28.64 -5.83 -39.34
CA LYS A 719 -29.97 -6.37 -39.27
C LYS A 719 -30.44 -6.37 -37.79
N PHE A 720 -29.58 -6.87 -36.94
CA PHE A 720 -29.90 -6.97 -35.51
C PHE A 720 -30.09 -5.58 -34.95
N ILE A 721 -29.29 -4.63 -35.33
CA ILE A 721 -29.47 -3.26 -34.83
C ILE A 721 -30.78 -2.68 -35.29
N ASP A 722 -31.20 -2.96 -36.52
CA ASP A 722 -32.49 -2.55 -37.02
C ASP A 722 -33.61 -3.11 -36.17
N PHE A 723 -33.48 -4.40 -35.88
CA PHE A 723 -34.46 -5.12 -35.02
C PHE A 723 -34.54 -4.43 -33.65
N TYR A 724 -33.39 -4.10 -33.08
CA TYR A 724 -33.33 -3.42 -31.83
C TYR A 724 -34.03 -2.06 -31.90
N LYS A 725 -33.80 -1.31 -32.94
CA LYS A 725 -34.31 0.02 -33.06
C LYS A 725 -35.87 -0.04 -33.07
N GLN A 726 -36.38 -0.87 -33.97
CA GLN A 726 -37.81 -1.01 -34.08
C GLN A 726 -38.41 -1.53 -32.77
N SER A 727 -37.71 -2.44 -32.10
CA SER A 727 -38.19 -2.94 -30.83
C SER A 727 -38.27 -1.82 -29.77
N ILE A 728 -37.30 -0.94 -29.76
CA ILE A 728 -37.29 0.20 -28.89
C ILE A 728 -38.46 1.13 -29.18
N SER A 729 -38.72 1.35 -30.46
CA SER A 729 -39.89 2.15 -30.85
C SER A 729 -41.21 1.48 -30.39
N LYS A 730 -41.23 0.14 -30.37
CA LYS A 730 -42.40 -0.56 -29.94
C LYS A 730 -42.59 -0.57 -28.40
N HIS A 731 -41.52 -0.25 -27.69
CA HIS A 731 -41.48 -0.37 -26.24
C HIS A 731 -42.30 0.74 -25.55
N PRO A 732 -43.11 0.36 -24.55
CA PRO A 732 -43.97 1.34 -23.92
C PRO A 732 -43.26 2.53 -23.31
N GLU A 733 -42.17 2.31 -22.63
CA GLU A 733 -41.51 3.34 -21.85
C GLU A 733 -40.16 3.81 -22.34
N TRP A 734 -39.51 3.04 -23.22
CA TRP A 734 -38.18 3.38 -23.68
C TRP A 734 -38.28 4.30 -24.88
N LYS A 735 -39.42 4.26 -25.55
CA LYS A 735 -39.79 5.29 -26.50
C LYS A 735 -39.43 6.70 -26.01
N ASP A 736 -39.77 6.97 -24.76
CA ASP A 736 -39.66 8.31 -24.21
C ASP A 736 -38.28 8.79 -23.93
N PHE A 737 -37.28 7.94 -24.16
CA PHE A 737 -35.89 8.41 -24.08
C PHE A 737 -35.52 9.41 -25.20
N GLY A 738 -36.29 9.34 -26.29
CA GLY A 738 -36.14 10.17 -27.44
C GLY A 738 -34.85 9.81 -28.12
N PHE A 739 -34.72 8.54 -28.49
CA PHE A 739 -33.44 8.07 -29.06
C PHE A 739 -33.28 8.63 -30.45
N ARG A 740 -32.05 9.01 -30.82
CA ARG A 740 -31.77 9.60 -32.12
C ARG A 740 -31.05 8.63 -33.02
N PHE A 741 -29.88 8.18 -32.61
CA PHE A 741 -29.30 6.92 -33.14
C PHE A 741 -28.49 6.97 -34.41
N SER A 742 -28.23 8.15 -34.91
CA SER A 742 -27.51 8.23 -36.16
C SER A 742 -28.21 7.29 -37.23
N ASP A 743 -27.48 6.44 -37.92
CA ASP A 743 -28.04 5.61 -38.98
C ASP A 743 -27.43 4.24 -38.85
N THR A 744 -28.19 3.21 -39.19
CA THR A 744 -27.71 1.83 -38.94
C THR A 744 -26.54 1.49 -39.84
N GLN A 745 -26.49 2.11 -41.01
CA GLN A 745 -25.39 1.89 -41.95
C GLN A 745 -24.06 2.48 -41.51
N ARG A 746 -24.03 3.31 -40.47
CA ARG A 746 -22.78 3.90 -39.96
C ARG A 746 -22.03 2.97 -39.01
N TYR A 747 -22.80 2.24 -38.20
CA TYR A 747 -22.22 1.39 -37.16
C TYR A 747 -21.41 0.28 -37.81
N ASN A 748 -20.13 0.23 -37.48
CA ASN A 748 -19.28 -0.88 -37.92
C ASN A 748 -19.23 -1.96 -36.86
N SER A 749 -19.63 -1.65 -35.64
CA SER A 749 -19.67 -2.62 -34.57
C SER A 749 -20.87 -2.26 -33.68
N ILE A 750 -21.45 -3.27 -33.03
CA ILE A 750 -22.63 -3.09 -32.22
C ILE A 750 -22.34 -2.28 -30.97
N ASP A 751 -21.11 -2.13 -30.53
CA ASP A 751 -20.84 -1.28 -29.40
C ASP A 751 -21.17 0.18 -29.70
N GLU A 752 -20.83 0.63 -30.89
CA GLU A 752 -21.19 1.98 -31.33
C GLU A 752 -22.70 2.22 -31.20
N PHE A 753 -23.50 1.21 -31.40
CA PHE A 753 -24.94 1.35 -31.20
C PHE A 753 -25.27 1.32 -29.69
N TYR A 754 -24.81 0.28 -29.01
CA TYR A 754 -25.02 0.14 -27.62
C TYR A 754 -24.55 1.37 -26.81
N ARG A 755 -23.37 1.88 -27.13
CA ARG A 755 -22.95 3.15 -26.56
C ARG A 755 -24.05 4.20 -26.64
N GLU A 756 -24.54 4.45 -27.83
CA GLU A 756 -25.55 5.48 -28.03
C GLU A 756 -26.78 5.18 -27.16
N VAL A 757 -27.20 3.92 -27.11
CA VAL A 757 -28.31 3.60 -26.23
C VAL A 757 -27.98 4.06 -24.77
N GLU A 758 -26.86 3.58 -24.27
CA GLU A 758 -26.45 3.94 -22.95
C GLU A 758 -26.31 5.46 -22.80
N ASN A 759 -25.84 6.11 -23.86
CA ASN A 759 -25.60 7.54 -23.81
C ASN A 759 -26.88 8.33 -23.70
N GLN A 760 -27.91 7.82 -24.34
CA GLN A 760 -29.16 8.49 -24.45
C GLN A 760 -30.23 7.92 -23.57
N GLY A 761 -29.99 6.78 -22.97
CA GLY A 761 -30.88 6.25 -21.97
C GLY A 761 -30.61 6.75 -20.56
N TYR A 762 -30.55 8.06 -20.37
CA TYR A 762 -30.52 8.63 -19.04
C TYR A 762 -31.14 9.99 -19.07
N LYS A 763 -32.27 10.14 -18.39
CA LYS A 763 -33.06 11.35 -18.40
C LYS A 763 -33.41 11.73 -16.97
N LEU A 764 -33.10 12.93 -16.53
CA LEU A 764 -33.69 13.46 -15.30
C LEU A 764 -34.83 14.45 -15.61
N THR A 765 -35.93 14.39 -14.87
CA THR A 765 -37.12 15.24 -15.03
C THR A 765 -37.66 15.56 -13.62
N PHE A 766 -38.41 16.65 -13.49
CA PHE A 766 -39.00 17.03 -12.19
C PHE A 766 -40.55 16.95 -12.10
N GLU A 767 -41.05 16.64 -10.89
CA GLU A 767 -42.48 16.70 -10.54
C GLU A 767 -42.61 17.53 -9.26
N ASN A 768 -43.65 18.35 -9.24
CA ASN A 768 -43.83 19.33 -8.18
C ASN A 768 -44.78 18.75 -7.18
N ILE A 769 -44.28 18.51 -5.98
CA ILE A 769 -45.09 17.96 -4.89
C ILE A 769 -45.33 19.07 -3.90
N SER A 770 -46.58 19.22 -3.46
CA SER A 770 -46.94 20.27 -2.51
C SER A 770 -46.39 20.01 -1.12
N GLU A 771 -45.98 21.06 -0.43
CA GLU A 771 -45.27 20.95 0.82
C GLU A 771 -46.12 20.20 1.86
N SER A 772 -47.43 20.38 1.81
CA SER A 772 -48.32 19.79 2.78
C SER A 772 -48.31 18.29 2.67
N TYR A 773 -48.17 17.75 1.45
CA TYR A 773 -48.15 16.29 1.30
C TYR A 773 -46.88 15.71 1.94
N ILE A 774 -45.75 16.31 1.64
CA ILE A 774 -44.49 15.88 2.18
C ILE A 774 -44.53 15.96 3.71
N ASP A 775 -45.03 17.07 4.23
CA ASP A 775 -45.10 17.22 5.68
C ASP A 775 -46.01 16.21 6.28
N SER A 776 -47.12 15.89 5.63
CA SER A 776 -48.03 14.84 6.08
C SER A 776 -47.32 13.48 6.17
N VAL A 777 -46.66 13.09 5.07
CA VAL A 777 -46.08 11.76 5.04
C VAL A 777 -44.88 11.66 5.99
N VAL A 778 -44.16 12.74 6.17
CA VAL A 778 -43.07 12.72 7.14
C VAL A 778 -43.63 12.63 8.54
N ASN A 779 -44.73 13.31 8.83
CA ASN A 779 -45.29 13.28 10.17
C ASN A 779 -45.90 11.94 10.47
N GLN A 780 -46.42 11.23 9.44
CA GLN A 780 -46.99 9.92 9.65
C GLN A 780 -45.91 8.88 9.69
N GLY A 781 -44.62 9.23 9.61
CA GLY A 781 -43.54 8.25 9.41
C GLY A 781 -43.68 7.37 8.19
N LYS A 782 -44.33 7.89 7.15
CA LYS A 782 -44.42 7.21 5.87
C LYS A 782 -43.24 7.56 5.00
N LEU A 783 -42.48 8.60 5.37
CA LEU A 783 -41.29 9.03 4.65
C LEU A 783 -40.29 9.63 5.61
N TYR A 784 -39.01 9.31 5.42
CA TYR A 784 -37.93 9.82 6.25
C TYR A 784 -37.14 10.77 5.38
N LEU A 785 -37.33 12.06 5.57
CA LEU A 785 -36.63 13.09 4.82
C LEU A 785 -35.35 13.61 5.50
N PHE A 786 -34.31 13.78 4.70
CA PHE A 786 -33.02 14.32 5.17
C PHE A 786 -32.61 15.43 4.23
N GLN A 787 -31.82 16.37 4.74
CA GLN A 787 -31.17 17.35 3.88
C GLN A 787 -29.74 16.92 3.57
N ILE A 788 -29.42 16.87 2.28
CA ILE A 788 -28.07 16.59 1.79
C ILE A 788 -27.22 17.83 2.03
N TYR A 789 -26.36 17.79 3.06
CA TYR A 789 -25.76 19.00 3.60
C TYR A 789 -24.28 18.87 3.69
N ASN A 790 -23.57 19.92 3.24
CA ASN A 790 -22.16 20.14 3.62
C ASN A 790 -22.06 21.63 3.86
N LYS A 791 -20.89 22.16 4.22
CA LYS A 791 -20.80 23.56 4.60
C LYS A 791 -20.97 24.52 3.48
N ASP A 792 -21.01 24.04 2.24
CA ASP A 792 -21.35 24.90 1.13
C ASP A 792 -22.84 25.27 1.10
N PHE A 793 -23.69 24.48 1.76
CA PHE A 793 -25.11 24.72 1.80
C PHE A 793 -25.56 25.54 3.01
N SER A 794 -24.62 25.96 3.87
CA SER A 794 -24.96 26.88 4.98
C SER A 794 -25.45 28.23 4.45
N ALA A 795 -26.36 28.87 5.17
CA ALA A 795 -26.82 30.17 4.74
C ALA A 795 -25.71 31.22 4.86
N TYR A 796 -24.76 30.97 5.74
CA TYR A 796 -23.64 31.87 5.96
C TYR A 796 -22.47 31.67 4.97
N SER A 797 -22.57 30.66 4.08
CA SER A 797 -21.46 30.30 3.18
C SER A 797 -21.20 31.43 2.21
N LYS A 798 -20.02 32.02 2.34
CA LYS A 798 -19.68 33.27 1.67
C LYS A 798 -19.25 33.09 0.22
N GLY A 799 -18.21 32.28 0.02
CA GLY A 799 -17.42 32.32 -1.19
C GLY A 799 -17.44 31.06 -2.05
N ARG A 800 -16.27 30.68 -2.54
CA ARG A 800 -16.20 29.70 -3.60
C ARG A 800 -16.61 28.33 -3.06
N PRO A 801 -17.37 27.54 -3.83
CA PRO A 801 -17.80 26.24 -3.32
C PRO A 801 -16.74 25.17 -3.48
N ASN A 802 -16.97 24.00 -2.88
CA ASN A 802 -16.09 22.85 -3.07
C ASN A 802 -16.35 22.23 -4.44
N LEU A 803 -15.34 21.56 -5.01
CA LEU A 803 -15.45 20.87 -6.28
C LEU A 803 -16.49 19.77 -6.25
N HIS A 804 -16.62 19.09 -5.12
CA HIS A 804 -17.66 18.09 -4.93
C HIS A 804 -19.04 18.73 -4.95
N THR A 805 -19.18 19.88 -4.29
CA THR A 805 -20.43 20.62 -4.33
C THR A 805 -20.78 20.98 -5.77
N LEU A 806 -19.79 21.44 -6.52
CA LEU A 806 -19.97 21.81 -7.91
C LEU A 806 -20.52 20.59 -8.71
N TYR A 807 -19.84 19.46 -8.52
CA TYR A 807 -20.20 18.28 -9.25
C TYR A 807 -21.63 17.87 -8.90
N TRP A 808 -22.00 17.99 -7.63
CA TRP A 808 -23.34 17.60 -7.20
C TRP A 808 -24.38 18.53 -7.82
N LYS A 809 -24.06 19.83 -7.89
CA LYS A 809 -24.99 20.77 -8.48
C LYS A 809 -25.14 20.49 -9.96
N ALA A 810 -24.06 20.11 -10.65
CA ALA A 810 -24.13 19.89 -12.08
C ALA A 810 -25.01 18.74 -12.45
N LEU A 811 -25.27 17.82 -11.53
CA LEU A 811 -26.11 16.68 -11.83
C LEU A 811 -27.49 17.08 -12.29
N PHE A 812 -27.99 18.18 -11.74
CA PHE A 812 -29.37 18.65 -11.97
C PHE A 812 -29.45 19.91 -12.81
N ASP A 813 -28.32 20.48 -13.18
CA ASP A 813 -28.27 21.68 -13.99
C ASP A 813 -28.82 21.43 -15.40
N GLU A 814 -29.67 22.34 -15.91
CA GLU A 814 -30.23 22.14 -17.24
C GLU A 814 -29.20 22.14 -18.34
N ARG A 815 -28.17 22.95 -18.13
CA ARG A 815 -27.04 22.99 -19.06
C ARG A 815 -26.37 21.63 -19.16
N ASN A 816 -26.21 20.95 -18.02
CA ASN A 816 -25.70 19.60 -18.02
C ASN A 816 -26.70 18.60 -18.61
N LEU A 817 -27.96 18.73 -18.25
CA LEU A 817 -28.95 17.77 -18.72
C LEU A 817 -29.15 17.83 -20.24
N GLN A 818 -28.69 18.92 -20.87
CA GLN A 818 -28.77 19.09 -22.31
C GLN A 818 -28.06 17.92 -23.00
N ASP A 819 -26.73 17.84 -22.92
CA ASP A 819 -26.00 16.61 -23.26
C ASP A 819 -25.18 16.26 -22.01
N VAL A 820 -25.51 15.11 -21.42
CA VAL A 820 -25.07 14.81 -20.06
C VAL A 820 -23.58 14.57 -20.02
N VAL A 821 -22.93 15.23 -19.08
CA VAL A 821 -21.60 14.87 -18.68
C VAL A 821 -21.50 14.44 -17.21
N TYR A 822 -22.43 14.91 -16.36
CA TYR A 822 -22.55 14.42 -14.99
C TYR A 822 -23.78 13.55 -14.91
N LYS A 823 -23.55 12.30 -14.49
CA LYS A 823 -24.61 11.29 -14.39
C LYS A 823 -24.72 10.70 -12.99
N LEU A 824 -25.94 10.51 -12.50
CA LEU A 824 -26.19 10.02 -11.14
C LEU A 824 -26.34 8.55 -11.18
N ASN A 825 -25.54 7.88 -10.36
CA ASN A 825 -25.51 6.41 -10.37
C ASN A 825 -26.27 5.83 -9.24
N GLY A 826 -26.81 4.64 -9.46
CA GLY A 826 -27.32 3.81 -8.38
C GLY A 826 -26.33 3.26 -7.37
N GLU A 827 -26.84 2.42 -6.48
CA GLU A 827 -26.09 1.83 -5.37
C GLU A 827 -25.41 2.87 -4.47
N ALA A 828 -26.17 3.86 -4.03
CA ALA A 828 -25.68 4.82 -3.03
C ALA A 828 -25.88 4.27 -1.65
N GLU A 829 -25.20 4.82 -0.68
CA GLU A 829 -25.15 4.18 0.62
C GLU A 829 -25.35 5.19 1.69
N LEU A 830 -25.99 4.76 2.78
CA LEU A 830 -26.30 5.65 3.91
C LEU A 830 -25.69 5.05 5.17
N PHE A 831 -25.17 5.93 6.01
CA PHE A 831 -24.44 5.50 7.17
C PHE A 831 -24.80 6.30 8.42
N TYR A 832 -24.52 5.72 9.58
CA TYR A 832 -24.73 6.34 10.88
C TYR A 832 -23.44 6.31 11.65
N ARG A 833 -22.89 7.46 11.97
CA ARG A 833 -21.69 7.55 12.80
C ARG A 833 -22.02 8.04 14.23
N LYS A 834 -21.90 7.16 15.24
CA LYS A 834 -22.04 7.53 16.66
C LYS A 834 -20.95 8.48 17.07
N GLN A 835 -21.25 9.21 18.12
CA GLN A 835 -20.29 10.13 18.69
C GLN A 835 -19.05 9.36 19.14
N SER A 836 -17.88 9.85 18.74
CA SER A 836 -16.62 9.22 19.11
C SER A 836 -15.77 10.05 20.04
N ILE A 837 -15.93 11.36 20.04
CA ILE A 837 -15.18 12.24 20.94
C ILE A 837 -16.17 12.99 21.85
N PRO A 838 -15.85 13.14 23.16
CA PRO A 838 -16.80 13.87 24.03
C PRO A 838 -16.76 15.38 23.82
N LYS A 839 -17.88 16.05 24.12
CA LYS A 839 -18.04 17.49 23.84
C LYS A 839 -17.31 18.35 24.88
N LYS A 840 -16.45 19.25 24.42
CA LYS A 840 -15.73 20.16 25.32
C LYS A 840 -15.34 21.42 24.56
N ILE A 841 -15.32 22.58 25.22
CA ILE A 841 -15.00 23.83 24.53
C ILE A 841 -14.09 24.71 25.37
N ILE A 842 -13.35 25.62 24.75
CA ILE A 842 -13.04 25.59 23.31
C ILE A 842 -11.73 24.82 23.18
N ALA A 850 -6.53 34.29 20.66
CA ALA A 850 -5.16 33.81 20.58
C ALA A 850 -4.97 33.07 19.27
N ASN A 851 -4.31 33.70 18.31
CA ASN A 851 -4.19 33.16 16.96
C ASN A 851 -2.93 32.36 16.74
N LYS A 852 -3.02 31.37 15.86
CA LYS A 852 -1.92 30.47 15.64
C LYS A 852 -0.79 31.08 14.80
N ASN A 853 -1.12 31.80 13.72
CA ASN A 853 -0.07 32.43 12.89
C ASN A 853 0.09 33.90 13.23
N LYS A 854 1.25 34.45 12.91
CA LYS A 854 1.65 35.75 13.44
C LYS A 854 1.43 36.90 12.44
N ASP A 855 0.16 37.27 12.28
CA ASP A 855 -0.20 38.34 11.33
C ASP A 855 -1.23 39.42 11.77
N ASN A 856 -1.95 39.22 12.87
CA ASN A 856 -3.32 39.82 13.00
C ASN A 856 -3.72 39.88 14.47
N PRO A 857 -5.00 40.21 14.84
CA PRO A 857 -5.30 40.29 16.28
C PRO A 857 -5.23 38.98 17.12
N LYS A 858 -5.79 39.04 18.34
CA LYS A 858 -5.94 37.90 19.23
C LYS A 858 -7.40 37.90 19.69
N LYS A 859 -8.15 36.83 19.41
CA LYS A 859 -9.52 36.70 19.92
C LYS A 859 -9.75 35.31 20.48
N GLU A 860 -10.06 35.25 21.78
CA GLU A 860 -10.40 34.00 22.48
C GLU A 860 -10.95 34.33 23.86
N SER A 861 -11.41 33.30 24.58
CA SER A 861 -11.88 33.44 25.96
C SER A 861 -13.25 34.09 26.08
N VAL A 862 -13.75 34.63 24.97
CA VAL A 862 -15.04 35.33 24.99
C VAL A 862 -16.30 34.45 25.19
N PHE A 863 -16.42 33.23 24.63
CA PHE A 863 -15.77 32.74 23.40
C PHE A 863 -16.30 33.46 22.16
N GLU A 864 -17.62 33.76 22.25
CA GLU A 864 -18.59 34.31 21.29
C GLU A 864 -19.61 33.21 21.44
N TYR A 865 -19.77 32.37 20.43
CA TYR A 865 -20.55 31.18 20.58
C TYR A 865 -19.54 30.05 20.65
N ASP A 866 -19.46 29.36 21.76
CA ASP A 866 -18.57 28.22 21.81
C ASP A 866 -18.48 27.32 20.55
N LEU A 867 -17.22 27.07 20.23
CA LEU A 867 -16.77 26.27 19.11
C LEU A 867 -15.93 25.10 19.68
N ILE A 868 -16.11 23.90 19.13
CA ILE A 868 -15.67 22.67 19.82
C ILE A 868 -14.75 21.79 19.00
N LYS A 869 -13.72 21.27 19.69
CA LYS A 869 -12.51 20.85 19.07
C LYS A 869 -12.69 20.00 17.83
N ASP A 870 -13.35 18.86 17.98
CA ASP A 870 -13.74 18.08 16.78
C ASP A 870 -15.26 17.90 16.84
N LYS A 871 -15.96 18.98 16.53
CA LYS A 871 -17.41 19.04 16.66
C LYS A 871 -18.11 17.90 15.87
N ARG A 872 -17.62 17.64 14.66
CA ARG A 872 -18.11 16.52 13.82
C ARG A 872 -18.31 15.27 14.65
N PHE A 873 -17.29 14.95 15.45
CA PHE A 873 -17.22 13.68 16.17
C PHE A 873 -17.81 13.73 17.57
N THR A 874 -18.43 14.85 17.93
CA THR A 874 -19.07 15.00 19.24
C THR A 874 -20.59 14.89 19.16
N GLU A 875 -21.09 14.29 18.09
CA GLU A 875 -22.50 13.99 17.98
C GLU A 875 -22.72 12.93 16.92
N ASP A 876 -23.77 12.15 17.09
CA ASP A 876 -24.13 11.16 16.11
C ASP A 876 -24.55 11.85 14.83
N LYS A 877 -24.25 11.24 13.69
CA LYS A 877 -24.55 11.84 12.38
C LYS A 877 -24.98 10.80 11.38
N PHE A 878 -25.63 11.22 10.31
CA PHE A 878 -25.97 10.35 9.18
C PHE A 878 -25.15 10.85 8.02
N PHE A 879 -24.71 9.95 7.13
CA PHE A 879 -24.06 10.37 5.89
C PHE A 879 -24.63 9.69 4.65
N PHE A 880 -24.37 10.35 3.50
CA PHE A 880 -24.87 9.91 2.21
C PHE A 880 -23.73 9.85 1.25
N HIS A 881 -23.39 8.65 0.81
CA HIS A 881 -22.34 8.44 -0.15
C HIS A 881 -23.05 8.15 -1.46
N CYS A 882 -22.80 9.02 -2.46
CA CYS A 882 -23.50 8.94 -3.74
C CYS A 882 -22.49 8.77 -4.85
N PRO A 883 -22.62 7.69 -5.65
CA PRO A 883 -21.79 7.53 -6.80
C PRO A 883 -22.31 8.28 -8.03
N ILE A 884 -21.38 8.95 -8.73
CA ILE A 884 -21.64 9.62 -9.99
C ILE A 884 -20.66 9.20 -11.07
N THR A 885 -21.05 9.43 -12.31
CA THR A 885 -20.19 9.18 -13.44
C THR A 885 -19.98 10.48 -14.18
N ILE A 886 -18.71 10.85 -14.33
CA ILE A 886 -18.34 12.02 -15.05
C ILE A 886 -17.92 11.66 -16.47
N ASN A 887 -18.18 12.58 -17.40
CA ASN A 887 -17.97 12.41 -18.86
C ASN A 887 -18.72 11.21 -19.27
N PHE A 888 -19.96 11.18 -18.83
CA PHE A 888 -20.80 10.03 -19.01
C PHE A 888 -20.96 9.59 -20.48
N LYS A 889 -20.73 10.49 -21.44
CA LYS A 889 -20.99 10.16 -22.84
C LYS A 889 -19.70 9.91 -23.66
N SER A 890 -18.56 9.67 -23.01
CA SER A 890 -17.30 9.56 -23.72
C SER A 890 -16.65 8.18 -23.70
N SER A 891 -17.11 7.30 -22.81
CA SER A 891 -16.72 5.88 -22.85
C SER A 891 -15.21 5.73 -22.59
N GLY A 892 -14.50 5.06 -23.50
CA GLY A 892 -13.14 4.58 -23.22
C GLY A 892 -12.04 5.58 -23.49
N ALA A 893 -12.08 6.18 -24.67
CA ALA A 893 -11.04 7.12 -25.10
C ALA A 893 -9.64 6.51 -24.87
N ASN A 894 -9.41 5.42 -25.59
CA ASN A 894 -8.10 4.76 -25.61
C ASN A 894 -7.09 5.57 -26.45
N LYS A 895 -5.84 5.16 -26.35
CA LYS A 895 -4.73 5.75 -27.10
C LYS A 895 -4.49 7.18 -26.65
N PHE A 896 -4.67 7.44 -25.38
CA PHE A 896 -4.51 8.74 -24.79
C PHE A 896 -3.04 9.20 -24.91
N ASN A 897 -2.14 8.29 -24.58
CA ASN A 897 -0.71 8.57 -24.65
C ASN A 897 -0.32 8.92 -26.07
N ASP A 898 -0.90 8.28 -27.07
CA ASP A 898 -0.58 8.63 -28.44
C ASP A 898 -1.10 10.04 -28.81
N GLU A 899 -2.26 10.38 -28.34
CA GLU A 899 -2.87 11.65 -28.58
C GLU A 899 -2.00 12.78 -27.99
N ILE A 900 -1.72 12.64 -26.70
CA ILE A 900 -0.89 13.66 -26.07
C ILE A 900 0.48 13.71 -26.68
N ASN A 901 1.02 12.59 -27.13
CA ASN A 901 2.31 12.58 -27.81
C ASN A 901 2.29 13.40 -29.11
N LEU A 902 1.20 13.23 -29.85
CA LEU A 902 0.98 13.96 -31.08
C LEU A 902 0.91 15.48 -30.77
N LEU A 903 0.16 15.79 -29.74
CA LEU A 903 -0.07 17.21 -29.46
C LEU A 903 1.24 17.85 -28.99
N LEU A 904 2.00 17.18 -28.18
CA LEU A 904 3.29 17.71 -27.74
C LEU A 904 4.26 17.77 -28.88
N LYS A 905 4.21 16.90 -29.85
CA LYS A 905 5.02 17.05 -31.06
C LYS A 905 4.65 18.33 -31.81
N GLU A 906 3.34 18.53 -31.98
CA GLU A 906 2.83 19.70 -32.64
C GLU A 906 3.18 21.02 -32.01
N LYS A 907 2.82 21.10 -30.74
CA LYS A 907 2.94 22.33 -29.97
C LYS A 907 4.23 22.42 -29.19
N ALA A 908 5.24 21.64 -29.60
CA ALA A 908 6.59 21.79 -29.06
C ALA A 908 7.12 23.19 -29.34
N ASN A 909 8.20 23.54 -28.64
CA ASN A 909 8.73 24.91 -28.62
C ASN A 909 7.83 25.82 -27.77
N ASP A 910 6.62 25.35 -27.42
CA ASP A 910 5.77 26.04 -26.47
C ASP A 910 5.69 25.31 -25.16
N VAL A 911 6.27 24.13 -25.09
CA VAL A 911 6.04 23.18 -23.98
C VAL A 911 7.24 23.25 -23.04
N HIS A 912 6.99 23.01 -21.77
CA HIS A 912 8.02 23.05 -20.73
C HIS A 912 8.13 21.71 -20.02
N ILE A 913 9.18 21.59 -19.22
CA ILE A 913 9.47 20.37 -18.51
C ILE A 913 9.45 20.65 -17.01
N LEU A 914 8.51 20.05 -16.29
CA LEU A 914 8.38 20.26 -14.86
C LEU A 914 8.85 18.98 -14.20
N SER A 915 10.07 19.02 -13.68
CA SER A 915 10.70 17.84 -13.11
C SER A 915 10.55 17.89 -11.62
N ILE A 916 10.46 16.70 -11.02
CA ILE A 916 10.39 16.59 -9.58
C ILE A 916 11.35 15.52 -9.08
N ASP A 917 12.21 15.91 -8.15
CA ASP A 917 13.13 15.02 -7.46
C ASP A 917 12.64 14.84 -6.04
N ARG A 918 12.37 13.60 -5.66
CA ARG A 918 11.80 13.31 -4.37
C ARG A 918 12.78 12.47 -3.59
N GLY A 919 13.05 12.90 -2.35
CA GLY A 919 13.91 12.21 -1.42
C GLY A 919 13.56 12.44 0.03
N GLU A 920 14.54 12.18 0.88
CA GLU A 920 14.39 12.32 2.31
C GLU A 920 14.63 13.77 2.68
N ARG A 921 15.59 14.41 2.02
CA ARG A 921 15.99 15.76 2.40
C ARG A 921 14.88 16.74 2.04
N HIS A 922 14.44 16.63 0.79
CA HIS A 922 13.27 17.32 0.28
C HIS A 922 12.26 16.28 -0.13
N LEU A 923 11.09 16.36 0.48
CA LEU A 923 9.99 15.46 0.18
C LEU A 923 9.72 15.47 -1.31
N ALA A 924 9.77 16.67 -1.87
CA ALA A 924 9.73 16.89 -3.30
C ALA A 924 10.47 18.17 -3.53
N TYR A 925 11.22 18.21 -4.62
CA TYR A 925 11.94 19.39 -5.04
C TYR A 925 11.80 19.47 -6.55
N TYR A 926 11.12 20.50 -7.03
CA TYR A 926 10.80 20.64 -8.44
C TYR A 926 11.77 21.59 -9.09
N THR A 927 11.82 21.48 -10.41
CA THR A 927 12.56 22.41 -11.23
C THR A 927 11.85 22.48 -12.56
N LEU A 928 11.45 23.68 -12.93
CA LEU A 928 10.79 23.90 -14.21
C LEU A 928 11.81 24.40 -15.20
N VAL A 929 11.85 23.77 -16.38
CA VAL A 929 12.87 24.04 -17.39
C VAL A 929 12.17 24.26 -18.71
N ASP A 930 12.76 25.12 -19.52
CA ASP A 930 12.17 25.49 -20.80
C ASP A 930 12.67 24.57 -21.92
N GLY A 931 12.24 24.89 -23.15
CA GLY A 931 12.56 24.10 -24.32
C GLY A 931 14.00 24.14 -24.79
N LYS A 932 14.91 24.69 -23.99
CA LYS A 932 16.34 24.69 -24.31
C LYS A 932 17.28 24.53 -23.11
N GLY A 933 16.80 23.96 -22.00
CA GLY A 933 17.67 23.64 -20.87
C GLY A 933 17.97 24.82 -19.96
N ASN A 934 16.98 25.67 -19.70
CA ASN A 934 17.14 26.78 -18.75
C ASN A 934 16.01 26.74 -17.78
N ILE A 935 16.33 26.92 -16.52
CA ILE A 935 15.32 26.81 -15.49
C ILE A 935 14.59 28.15 -15.33
N ILE A 936 13.27 28.08 -15.31
CA ILE A 936 12.44 29.24 -15.13
C ILE A 936 12.12 29.40 -13.63
N LYS A 937 11.83 28.29 -12.94
CA LYS A 937 11.54 28.31 -11.50
C LYS A 937 12.19 27.11 -10.82
N GLN A 938 12.53 27.29 -9.55
CA GLN A 938 13.16 26.23 -8.76
C GLN A 938 12.89 26.50 -7.30
N ASP A 939 12.20 25.56 -6.66
CA ASP A 939 11.98 25.64 -5.21
C ASP A 939 11.81 24.26 -4.65
N THR A 940 11.62 24.20 -3.35
CA THR A 940 11.30 22.97 -2.62
C THR A 940 9.82 22.96 -2.25
N PHE A 941 9.27 21.79 -2.06
CA PHE A 941 7.89 21.66 -1.63
C PHE A 941 7.77 21.38 -0.12
N ASN A 942 8.89 21.35 0.61
CA ASN A 942 8.87 21.19 2.07
C ASN A 942 8.04 22.27 2.76
N ILE A 943 8.20 23.53 2.37
CA ILE A 943 7.37 24.60 2.90
C ILE A 943 6.45 25.03 1.79
N ILE A 944 5.20 25.28 2.14
CA ILE A 944 4.23 25.74 1.16
C ILE A 944 3.11 26.46 1.90
N GLY A 945 2.68 27.59 1.35
CA GLY A 945 1.82 28.56 2.04
C GLY A 945 2.43 29.95 2.02
N ASN A 952 5.82 24.51 6.64
CA ASN A 952 6.83 23.46 6.47
C ASN A 952 6.31 22.10 6.94
N TYR A 953 5.97 21.24 5.98
CA TYR A 953 5.42 19.95 6.25
C TYR A 953 6.48 18.92 6.43
N HIS A 954 7.70 19.14 5.98
CA HIS A 954 8.76 18.15 6.24
C HIS A 954 9.04 18.07 7.75
N ASP A 955 9.00 19.22 8.41
CA ASP A 955 9.36 19.26 9.82
C ASP A 955 8.30 18.58 10.66
N LYS A 956 7.03 18.76 10.33
CA LYS A 956 5.97 18.14 11.08
C LYS A 956 5.72 16.69 10.68
N LEU A 957 6.05 16.30 9.47
CA LEU A 957 6.04 14.89 9.10
C LEU A 957 7.14 14.12 9.85
N ALA A 958 8.34 14.69 9.89
CA ALA A 958 9.39 14.09 10.70
C ALA A 958 8.98 14.04 12.16
N ALA A 959 8.35 15.07 12.69
CA ALA A 959 7.87 15.06 14.05
C ALA A 959 6.89 13.93 14.32
N ILE A 960 5.99 13.72 13.37
CA ILE A 960 5.01 12.65 13.42
C ILE A 960 5.71 11.29 13.45
N GLU A 961 6.68 11.09 12.54
CA GLU A 961 7.36 9.81 12.57
C GLU A 961 8.16 9.63 13.86
N LYS A 962 8.70 10.68 14.45
CA LYS A 962 9.34 10.59 15.74
C LYS A 962 8.36 10.13 16.86
N ASP A 963 7.17 10.75 16.84
CA ASP A 963 6.12 10.40 17.74
C ASP A 963 5.80 8.91 17.60
N ARG A 964 5.70 8.47 16.38
CA ARG A 964 5.35 7.08 16.05
C ARG A 964 6.40 6.12 16.58
N ASP A 965 7.67 6.52 16.46
CA ASP A 965 8.78 5.73 17.00
C ASP A 965 8.59 5.58 18.53
N SER A 966 8.37 6.74 19.20
CA SER A 966 8.30 6.70 20.64
C SER A 966 7.14 5.85 21.09
N ALA A 967 5.99 6.03 20.46
CA ALA A 967 4.80 5.27 20.83
C ALA A 967 5.00 3.79 20.59
N ARG A 968 5.71 3.41 19.52
CA ARG A 968 5.99 2.02 19.29
C ARG A 968 6.88 1.45 20.40
N LYS A 969 7.89 2.22 20.81
CA LYS A 969 8.85 1.68 21.75
C LYS A 969 8.32 1.69 23.17
N ASP A 970 7.42 2.64 23.47
CA ASP A 970 6.89 2.84 24.83
C ASP A 970 5.55 2.18 25.03
N TRP A 971 5.12 1.36 24.06
CA TRP A 971 3.83 0.67 24.12
C TRP A 971 2.64 1.62 24.09
N LYS A 972 2.87 2.88 23.72
CA LYS A 972 1.78 3.85 23.63
C LYS A 972 0.95 3.54 22.39
N LYS A 973 -0.02 4.41 22.16
CA LYS A 973 -0.83 4.39 20.98
C LYS A 973 -0.07 5.07 19.86
N ILE A 974 0.03 4.40 18.72
CA ILE A 974 0.74 4.94 17.57
C ILE A 974 -0.30 5.60 16.66
N ASN A 975 -0.09 6.88 16.34
CA ASN A 975 -1.08 7.69 15.63
C ASN A 975 -0.76 7.82 14.17
N ASN A 976 -1.75 8.26 13.39
CA ASN A 976 -1.61 8.29 11.94
C ASN A 976 -0.67 9.36 11.45
N ILE A 977 -0.21 9.13 10.23
CA ILE A 977 0.62 10.05 9.51
C ILE A 977 0.06 10.33 8.13
N LYS A 978 -0.76 9.44 7.54
CA LYS A 978 -1.16 9.55 6.18
C LYS A 978 -2.08 10.71 5.96
N GLU A 979 -2.86 11.11 6.98
CA GLU A 979 -3.77 12.24 6.82
C GLU A 979 -3.03 13.54 6.63
N MET A 980 -1.98 13.76 7.43
CA MET A 980 -1.13 14.91 7.31
C MET A 980 -0.54 14.96 5.90
N LYS A 981 -0.01 13.82 5.47
CA LYS A 981 0.62 13.71 4.16
C LYS A 981 -0.40 14.05 3.06
N GLU A 982 -1.60 13.56 3.20
CA GLU A 982 -2.66 13.83 2.24
C GLU A 982 -2.98 15.29 2.17
N GLY A 983 -3.04 15.93 3.33
CA GLY A 983 -3.34 17.35 3.43
C GLY A 983 -2.25 18.17 2.77
N TYR A 984 -1.00 17.72 2.93
CA TYR A 984 0.12 18.48 2.40
C TYR A 984 0.14 18.29 0.85
N LEU A 985 0.17 17.08 0.37
CA LEU A 985 0.25 16.86 -1.03
C LEU A 985 -0.99 17.28 -1.76
N SER A 986 -2.09 17.51 -1.12
CA SER A 986 -3.26 18.14 -1.75
C SER A 986 -2.94 19.54 -2.19
N GLN A 987 -2.10 20.26 -1.42
CA GLN A 987 -1.70 21.61 -1.80
C GLN A 987 -0.69 21.54 -2.98
N VAL A 988 0.26 20.60 -2.83
CA VAL A 988 1.35 20.51 -3.77
C VAL A 988 0.80 20.18 -5.16
N VAL A 989 -0.12 19.23 -5.22
CA VAL A 989 -0.69 18.83 -6.50
C VAL A 989 -1.42 19.95 -7.16
N HIS A 990 -2.14 20.77 -6.40
CA HIS A 990 -2.81 21.95 -6.92
C HIS A 990 -1.82 22.91 -7.58
N GLU A 991 -0.72 23.13 -6.86
CA GLU A 991 0.35 23.99 -7.35
C GLU A 991 0.90 23.46 -8.70
N ILE A 992 1.15 22.16 -8.71
CA ILE A 992 1.67 21.48 -9.88
C ILE A 992 0.73 21.67 -11.06
N ALA A 993 -0.56 21.55 -10.80
CA ALA A 993 -1.61 21.66 -11.81
C ALA A 993 -1.63 23.07 -12.40
N LYS A 994 -1.59 24.11 -11.51
CA LYS A 994 -1.56 25.43 -12.03
C LYS A 994 -0.31 25.65 -12.86
N LEU A 995 0.83 25.16 -12.40
CA LEU A 995 2.05 25.34 -13.16
C LEU A 995 1.95 24.64 -14.52
N VAL A 996 1.35 23.48 -14.57
CA VAL A 996 1.20 22.74 -15.79
C VAL A 996 0.38 23.56 -16.76
N ILE A 997 -0.73 24.18 -16.28
CA ILE A 997 -1.55 24.88 -17.25
C ILE A 997 -0.90 26.18 -17.72
N GLU A 998 -0.43 27.00 -16.78
CA GLU A 998 0.19 28.29 -17.10
C GLU A 998 1.48 28.24 -17.95
N TYR A 999 2.12 27.08 -18.07
CA TYR A 999 3.38 26.92 -18.81
C TYR A 999 3.40 25.77 -19.82
N ASN A 1000 2.26 25.12 -20.06
CA ASN A 1000 2.15 24.02 -21.04
C ASN A 1000 3.19 22.94 -20.80
N ALA A 1001 3.26 22.44 -19.57
CA ALA A 1001 4.37 21.58 -19.17
C ALA A 1001 4.01 20.13 -19.26
N ILE A 1002 5.06 19.33 -19.14
CA ILE A 1002 4.93 17.91 -18.88
C ILE A 1002 5.69 17.62 -17.60
N VAL A 1003 5.12 16.77 -16.75
CA VAL A 1003 5.72 16.42 -15.49
C VAL A 1003 6.62 15.24 -15.76
N VAL A 1004 7.83 15.26 -15.20
CA VAL A 1004 8.73 14.11 -15.26
C VAL A 1004 9.24 13.74 -13.86
N PHE A 1005 9.12 12.46 -13.55
CA PHE A 1005 9.62 11.86 -12.33
C PHE A 1005 10.78 10.92 -12.67
N GLU A 1006 11.55 10.55 -11.67
CA GLU A 1006 12.47 9.41 -11.78
C GLU A 1006 11.70 8.09 -11.54
N ASP A 1007 12.05 7.07 -12.33
CA ASP A 1007 11.32 5.80 -12.36
C ASP A 1007 11.75 5.01 -11.15
N LEU A 1008 10.84 4.82 -10.21
CA LEU A 1008 11.16 4.12 -8.97
C LEU A 1008 10.56 2.70 -8.95
N ASN A 1009 11.17 1.82 -8.16
CA ASN A 1009 10.64 0.49 -7.90
C ASN A 1009 10.74 0.06 -6.43
N PHE A 1010 11.55 0.76 -5.66
CA PHE A 1010 11.78 0.39 -4.26
C PHE A 1010 10.73 0.99 -3.33
N GLY A 1011 10.73 0.47 -2.11
CA GLY A 1011 9.96 1.05 -1.03
C GLY A 1011 10.70 1.07 0.32
N VAL A 1019 10.77 1.58 4.44
CA VAL A 1019 10.78 2.07 5.81
C VAL A 1019 10.42 3.56 5.83
N GLU A 1020 11.28 4.44 6.32
CA GLU A 1020 10.88 5.81 6.70
C GLU A 1020 10.86 6.75 5.50
N LYS A 1021 10.11 6.35 4.47
CA LYS A 1021 10.17 6.94 3.12
C LYS A 1021 8.82 7.65 2.87
N GLN A 1022 8.86 8.96 2.63
CA GLN A 1022 7.64 9.76 2.63
C GLN A 1022 7.20 10.17 1.23
N VAL A 1023 5.89 10.26 1.05
CA VAL A 1023 5.24 10.95 -0.06
C VAL A 1023 5.69 10.48 -1.43
N TYR A 1024 6.45 9.39 -1.51
CA TYR A 1024 7.04 8.96 -2.75
C TYR A 1024 5.97 8.61 -3.77
N GLN A 1025 5.23 7.56 -3.45
CA GLN A 1025 4.19 7.02 -4.29
C GLN A 1025 2.98 7.98 -4.29
N LYS A 1026 2.70 8.47 -3.08
CA LYS A 1026 1.45 9.18 -2.81
C LYS A 1026 1.32 10.40 -3.72
N LEU A 1027 2.42 11.11 -3.94
CA LEU A 1027 2.42 12.30 -4.76
C LEU A 1027 2.05 11.97 -6.22
N GLU A 1028 2.65 10.92 -6.75
CA GLU A 1028 2.35 10.46 -8.09
C GLU A 1028 0.87 10.09 -8.17
N LYS A 1029 0.42 9.33 -7.17
CA LYS A 1029 -0.92 8.78 -7.20
C LYS A 1029 -1.92 9.97 -7.26
N MET A 1030 -1.75 10.91 -6.35
CA MET A 1030 -2.66 12.01 -6.24
C MET A 1030 -2.58 12.86 -7.47
N LEU A 1031 -1.41 13.06 -8.06
CA LEU A 1031 -1.32 13.93 -9.21
C LEU A 1031 -1.96 13.28 -10.42
N ILE A 1032 -1.77 11.99 -10.62
CA ILE A 1032 -2.43 11.30 -11.71
C ILE A 1032 -3.94 11.36 -11.51
N GLU A 1033 -4.43 11.22 -10.25
CA GLU A 1033 -5.87 11.27 -10.08
C GLU A 1033 -6.40 12.68 -10.33
N LYS A 1034 -5.63 13.70 -10.01
CA LYS A 1034 -6.09 15.05 -10.22
C LYS A 1034 -6.11 15.35 -11.69
N LEU A 1035 -5.10 14.93 -12.43
CA LEU A 1035 -5.05 15.18 -13.87
C LEU A 1035 -6.01 14.32 -14.61
N ASN A 1036 -6.54 13.24 -14.01
CA ASN A 1036 -7.68 12.54 -14.66
C ASN A 1036 -8.81 13.49 -14.94
N TYR A 1037 -9.09 14.43 -14.02
CA TYR A 1037 -10.25 15.29 -14.15
C TYR A 1037 -10.01 16.61 -13.40
N LEU A 1038 -9.65 17.67 -14.15
CA LEU A 1038 -9.10 18.90 -13.58
C LEU A 1038 -9.97 20.08 -13.95
N VAL A 1039 -10.54 20.74 -12.93
CA VAL A 1039 -11.44 21.89 -13.09
C VAL A 1039 -11.05 23.02 -12.14
N PHE A 1040 -10.96 24.22 -12.68
CA PHE A 1040 -10.61 25.38 -11.88
C PHE A 1040 -11.88 26.16 -11.53
N LYS A 1041 -11.98 26.55 -10.25
CA LYS A 1041 -13.23 27.05 -9.64
C LYS A 1041 -13.62 28.33 -10.32
N ASP A 1042 -12.61 29.17 -10.55
CA ASP A 1042 -12.81 30.48 -11.17
C ASP A 1042 -13.11 30.43 -12.66
N ASN A 1043 -12.65 29.39 -13.37
CA ASN A 1043 -13.08 29.21 -14.77
C ASN A 1043 -14.59 29.19 -14.84
N GLU A 1044 -15.14 29.60 -15.97
CA GLU A 1044 -16.58 29.60 -16.09
C GLU A 1044 -17.03 28.23 -16.57
N PHE A 1045 -18.06 27.73 -15.92
CA PHE A 1045 -18.86 26.60 -16.37
C PHE A 1045 -18.99 26.73 -17.90
N ASP A 1046 -18.83 25.59 -18.56
CA ASP A 1046 -19.03 25.46 -20.01
C ASP A 1046 -17.81 25.90 -20.85
N LYS A 1047 -16.68 26.17 -20.20
CA LYS A 1047 -15.50 26.61 -20.90
C LYS A 1047 -14.35 25.65 -20.61
N THR A 1048 -13.21 25.93 -21.21
CA THR A 1048 -12.11 25.00 -21.28
C THR A 1048 -11.68 24.38 -19.97
N GLY A 1049 -11.73 25.11 -18.85
CA GLY A 1049 -11.33 24.52 -17.54
C GLY A 1049 -12.43 24.43 -16.50
N GLY A 1050 -13.68 24.52 -16.96
CA GLY A 1050 -14.81 24.66 -16.07
C GLY A 1050 -15.51 23.35 -15.75
N VAL A 1051 -16.61 23.43 -15.03
CA VAL A 1051 -17.31 22.27 -14.49
C VAL A 1051 -17.79 21.37 -15.60
N LEU A 1052 -18.25 21.93 -16.70
CA LEU A 1052 -18.76 21.08 -17.76
C LEU A 1052 -17.66 20.62 -18.71
N ARG A 1053 -16.48 21.21 -18.60
CA ARG A 1053 -15.37 20.92 -19.49
C ARG A 1053 -14.02 20.92 -18.75
N ALA A 1054 -13.68 19.76 -18.18
CA ALA A 1054 -12.53 19.63 -17.26
C ALA A 1054 -11.36 19.05 -17.99
N TYR A 1055 -10.16 19.49 -17.62
CA TYR A 1055 -8.96 18.99 -18.25
C TYR A 1055 -8.74 17.53 -17.90
N GLN A 1056 -8.42 16.74 -18.90
CA GLN A 1056 -7.97 15.37 -18.71
C GLN A 1056 -6.55 15.24 -19.31
N LEU A 1057 -5.55 15.24 -18.45
CA LEU A 1057 -4.17 15.25 -18.86
C LEU A 1057 -3.38 13.96 -18.59
N THR A 1058 -3.95 12.99 -17.89
CA THR A 1058 -3.28 11.74 -17.69
C THR A 1058 -4.19 10.61 -18.10
N ALA A 1059 -3.58 9.52 -18.53
CA ALA A 1059 -4.34 8.35 -18.92
C ALA A 1059 -5.05 7.74 -17.70
N PRO A 1060 -6.26 7.14 -17.93
CA PRO A 1060 -7.04 6.60 -16.82
C PRO A 1060 -6.21 5.60 -16.03
N PHE A 1061 -6.25 5.70 -14.70
CA PHE A 1061 -5.40 4.85 -13.90
C PHE A 1061 -6.00 3.44 -13.76
N GLU A 1062 -5.29 2.41 -14.19
CA GLU A 1062 -5.67 1.01 -13.96
C GLU A 1062 -4.76 0.44 -12.87
N THR A 1063 -3.53 0.04 -13.20
CA THR A 1063 -2.58 -0.38 -12.18
C THR A 1063 -1.25 0.30 -12.38
N PHE A 1064 -0.42 0.33 -11.35
CA PHE A 1064 0.95 0.76 -11.49
C PHE A 1064 1.76 -0.24 -12.29
N LYS A 1065 1.27 -1.47 -12.44
CA LYS A 1065 1.97 -2.42 -13.32
C LYS A 1065 1.66 -2.16 -14.78
N LYS A 1066 0.37 -2.08 -15.09
CA LYS A 1066 -0.11 -1.80 -16.44
C LYS A 1066 0.20 -0.37 -16.92
N MET A 1067 0.77 0.47 -16.06
CA MET A 1067 0.96 1.88 -16.39
C MET A 1067 2.02 2.05 -17.47
N GLY A 1068 3.24 1.62 -17.18
CA GLY A 1068 4.37 1.83 -18.07
C GLY A 1068 5.22 3.02 -17.67
N LYS A 1069 5.93 3.58 -18.64
CA LYS A 1069 6.75 4.77 -18.42
C LYS A 1069 6.03 6.05 -18.85
N GLN A 1070 4.74 5.96 -19.13
CA GLN A 1070 3.96 7.14 -19.51
C GLN A 1070 2.49 7.03 -19.08
N THR A 1071 1.98 8.13 -18.54
CA THR A 1071 0.55 8.33 -18.29
C THR A 1071 0.23 9.77 -18.67
N GLY A 1072 -0.09 9.97 -19.93
CA GLY A 1072 -0.38 11.27 -20.47
C GLY A 1072 0.83 12.17 -20.40
N ILE A 1073 0.64 13.36 -19.86
CA ILE A 1073 1.70 14.32 -19.71
C ILE A 1073 2.71 14.02 -18.58
N ILE A 1074 2.48 12.98 -17.79
CA ILE A 1074 3.46 12.53 -16.79
C ILE A 1074 4.35 11.40 -17.38
N TYR A 1075 5.67 11.55 -17.21
CA TYR A 1075 6.69 10.65 -17.81
C TYR A 1075 7.72 10.25 -16.78
N TYR A 1076 8.15 9.00 -16.84
CA TYR A 1076 9.08 8.43 -15.86
C TYR A 1076 10.41 8.16 -16.55
N VAL A 1077 11.48 8.74 -16.00
CA VAL A 1077 12.74 8.67 -16.68
C VAL A 1077 13.64 7.81 -15.81
N PRO A 1078 14.66 7.15 -16.42
CA PRO A 1078 15.59 6.40 -15.61
C PRO A 1078 16.27 7.27 -14.57
N ALA A 1079 16.34 6.77 -13.35
CA ALA A 1079 16.77 7.60 -12.22
C ALA A 1079 18.30 7.80 -12.07
N GLY A 1080 19.10 7.13 -12.90
CA GLY A 1080 20.55 7.14 -12.73
C GLY A 1080 21.28 8.44 -13.04
N PHE A 1081 22.18 8.83 -12.13
CA PHE A 1081 23.16 9.90 -12.33
C PHE A 1081 22.48 11.23 -12.53
N THR A 1082 21.70 11.63 -11.55
CA THR A 1082 21.00 12.91 -11.61
C THR A 1082 21.42 13.95 -10.58
N SER A 1083 21.85 13.51 -9.41
CA SER A 1083 22.20 14.42 -8.32
C SER A 1083 23.69 14.75 -8.20
N LYS A 1084 24.58 13.80 -8.49
CA LYS A 1084 26.03 14.03 -8.40
C LYS A 1084 26.69 14.20 -9.76
N ILE A 1085 26.14 15.10 -10.57
CA ILE A 1085 26.57 15.33 -11.95
C ILE A 1085 26.71 16.82 -12.22
N CYS A 1086 27.65 17.19 -13.08
CA CYS A 1086 27.91 18.58 -13.41
C CYS A 1086 26.93 19.04 -14.48
N PRO A 1087 26.27 20.18 -14.27
CA PRO A 1087 25.27 20.63 -15.23
C PRO A 1087 25.83 21.18 -16.54
N VAL A 1088 27.13 21.41 -16.56
CA VAL A 1088 27.81 22.02 -17.69
C VAL A 1088 28.59 20.99 -18.49
N THR A 1089 29.39 20.21 -17.77
CA THR A 1089 30.28 19.24 -18.40
C THR A 1089 29.73 17.83 -18.43
N GLY A 1090 28.76 17.51 -17.56
CA GLY A 1090 28.22 16.14 -17.50
C GLY A 1090 29.17 15.12 -16.90
N PHE A 1091 30.11 15.60 -16.09
CA PHE A 1091 31.15 14.77 -15.52
C PHE A 1091 30.56 13.95 -14.39
N VAL A 1092 30.98 12.69 -14.33
CA VAL A 1092 30.50 11.74 -13.37
C VAL A 1092 31.66 10.85 -12.94
N ASN A 1093 31.54 10.22 -11.78
CA ASN A 1093 32.62 9.45 -11.22
C ASN A 1093 32.69 7.99 -11.72
N GLN A 1094 33.83 7.36 -11.46
CA GLN A 1094 34.08 5.92 -11.70
C GLN A 1094 33.99 5.00 -10.46
N LEU A 1095 34.43 5.48 -9.30
CA LEU A 1095 34.52 4.69 -8.07
C LEU A 1095 33.14 4.44 -7.42
N TYR A 1096 32.11 5.23 -7.79
CA TYR A 1096 30.80 5.15 -7.14
C TYR A 1096 29.86 4.07 -7.73
N PRO A 1097 28.78 3.76 -7.00
CA PRO A 1097 27.74 2.81 -7.47
C PRO A 1097 26.37 3.40 -7.22
N VAL A 1102 42.22 -1.47 0.06
CA VAL A 1102 43.43 -0.69 0.11
C VAL A 1102 44.62 -1.41 -0.55
N SER A 1103 44.49 -2.70 -0.81
CA SER A 1103 45.59 -3.54 -1.28
C SER A 1103 46.18 -3.10 -2.63
N LYS A 1104 45.34 -2.72 -3.59
CA LYS A 1104 45.79 -2.39 -4.95
C LYS A 1104 45.32 -1.00 -5.30
N SER A 1105 46.27 -0.09 -5.53
CA SER A 1105 45.97 1.29 -5.92
C SER A 1105 46.89 1.83 -7.02
N GLN A 1106 48.18 1.51 -6.90
CA GLN A 1106 49.20 2.10 -7.72
C GLN A 1106 49.18 1.60 -9.17
N GLU A 1107 48.59 0.43 -9.38
CA GLU A 1107 48.66 -0.28 -10.66
C GLU A 1107 47.93 0.50 -11.76
N PHE A 1108 46.76 1.04 -11.41
CA PHE A 1108 45.93 1.80 -12.34
C PHE A 1108 46.13 3.31 -12.22
N PHE A 1109 46.76 3.76 -11.13
CA PHE A 1109 47.05 5.18 -10.92
C PHE A 1109 47.97 5.73 -12.00
N SER A 1110 49.04 5.00 -12.26
CA SER A 1110 50.02 5.40 -13.28
C SER A 1110 49.50 5.21 -14.70
N LYS A 1111 48.53 4.31 -14.90
CA LYS A 1111 47.91 4.14 -16.21
C LYS A 1111 47.07 5.34 -16.65
N PHE A 1112 46.59 6.15 -15.70
CA PHE A 1112 45.84 7.37 -16.03
C PHE A 1112 46.70 8.38 -16.79
N ASP A 1113 46.08 9.46 -17.26
CA ASP A 1113 46.81 10.52 -17.97
C ASP A 1113 47.69 11.30 -16.99
N LYS A 1114 48.41 12.31 -17.52
CA LYS A 1114 49.42 13.02 -16.74
C LYS A 1114 48.82 13.85 -15.60
N ILE A 1115 49.40 13.72 -14.42
CA ILE A 1115 49.06 14.52 -13.24
C ILE A 1115 50.05 15.67 -13.16
N CYS A 1116 49.56 16.90 -13.08
CA CYS A 1116 50.42 18.05 -13.25
C CYS A 1116 49.87 19.28 -12.58
N TYR A 1117 50.74 20.05 -11.93
CA TYR A 1117 50.35 21.32 -11.33
C TYR A 1117 50.44 22.40 -12.37
N ASN A 1118 49.28 22.86 -12.86
CA ASN A 1118 49.23 24.00 -13.77
C ASN A 1118 49.73 25.27 -13.07
N LEU A 1119 50.82 25.81 -13.59
CA LEU A 1119 51.40 27.08 -13.13
C LEU A 1119 50.59 28.30 -13.58
N ASP A 1120 50.14 28.30 -14.85
CA ASP A 1120 49.30 29.38 -15.39
C ASP A 1120 47.99 29.49 -14.62
N LYS A 1121 47.40 28.34 -14.35
CA LYS A 1121 46.12 28.27 -13.65
C LYS A 1121 46.28 28.22 -12.14
N GLY A 1122 47.36 27.60 -11.67
CA GLY A 1122 47.68 27.56 -10.24
C GLY A 1122 46.93 26.50 -9.44
N TYR A 1123 46.85 25.28 -9.96
CA TYR A 1123 46.23 24.18 -9.24
C TYR A 1123 46.65 22.85 -9.82
N PHE A 1124 46.30 21.75 -9.16
CA PHE A 1124 46.70 20.42 -9.58
C PHE A 1124 45.66 19.81 -10.51
N GLU A 1125 46.11 19.21 -11.61
CA GLU A 1125 45.23 18.57 -12.60
C GLU A 1125 45.46 17.06 -12.62
N PHE A 1126 44.36 16.30 -12.66
CA PHE A 1126 44.37 14.84 -12.72
C PHE A 1126 43.47 14.44 -13.90
N SER A 1127 44.08 14.08 -15.02
CA SER A 1127 43.33 13.77 -16.27
C SER A 1127 43.22 12.27 -16.48
N PHE A 1128 42.20 11.86 -17.24
CA PHE A 1128 41.94 10.44 -17.47
C PHE A 1128 40.98 10.25 -18.63
N ASP A 1129 40.94 9.01 -19.13
CA ASP A 1129 40.15 8.64 -20.28
C ASP A 1129 39.19 7.46 -20.05
N TYR A 1130 39.01 7.06 -18.78
CA TYR A 1130 38.10 5.97 -18.41
C TYR A 1130 38.46 4.65 -19.13
N LYS A 1131 39.60 4.08 -18.73
CA LYS A 1131 40.02 2.77 -19.26
C LYS A 1131 39.22 1.57 -18.75
N ASN A 1132 38.53 1.72 -17.61
CA ASN A 1132 37.71 0.64 -17.05
C ASN A 1132 36.40 0.53 -17.82
N PHE A 1133 36.24 -0.58 -18.55
CA PHE A 1133 35.08 -0.75 -19.42
C PHE A 1133 33.81 -0.99 -18.60
N GLY A 1134 32.70 -0.39 -18.99
CA GLY A 1134 32.57 0.45 -20.19
C GLY A 1134 33.21 1.83 -20.10
N ASP A 1135 33.95 2.21 -21.14
CA ASP A 1135 34.68 3.48 -21.16
C ASP A 1135 33.74 4.69 -21.28
N LYS A 1136 32.89 4.72 -22.31
CA LYS A 1136 31.91 5.80 -22.44
C LYS A 1136 30.69 5.32 -23.23
N GLY A 1140 34.20 9.74 -20.81
CA GLY A 1140 35.23 9.91 -21.86
C GLY A 1140 36.59 10.37 -21.31
N LYS A 1141 37.16 11.44 -21.88
CA LYS A 1141 38.37 12.05 -21.37
C LYS A 1141 38.10 13.43 -20.75
N TRP A 1142 38.66 13.66 -19.57
CA TRP A 1142 38.70 14.99 -18.96
C TRP A 1142 39.67 15.04 -17.80
N THR A 1143 39.90 16.25 -17.33
CA THR A 1143 40.86 16.52 -16.26
C THR A 1143 40.12 17.17 -15.12
N ILE A 1144 40.49 16.80 -13.90
CA ILE A 1144 39.86 17.32 -12.69
C ILE A 1144 40.85 18.24 -11.98
N ALA A 1145 40.35 19.37 -11.51
CA ALA A 1145 41.11 20.41 -10.82
C ALA A 1145 41.03 20.29 -9.30
N SER A 1146 41.63 21.23 -8.58
CA SER A 1146 41.59 21.21 -7.13
C SER A 1146 40.73 22.41 -6.73
N PHE A 1147 39.49 22.11 -6.39
CA PHE A 1147 38.45 23.08 -5.98
C PHE A 1147 37.38 22.49 -5.06
N GLY A 1148 36.84 23.32 -4.16
CA GLY A 1148 35.67 22.97 -3.34
C GLY A 1148 35.77 21.83 -2.33
N SER A 1149 35.88 22.19 -1.07
CA SER A 1149 36.06 21.21 -0.03
C SER A 1149 34.79 20.68 0.68
N ARG A 1150 34.69 19.36 0.77
CA ARG A 1150 33.63 18.65 1.51
C ARG A 1150 34.25 17.78 2.60
N LEU A 1151 33.76 17.92 3.83
CA LEU A 1151 34.23 17.13 4.98
C LEU A 1151 33.06 16.87 5.93
N ILE A 1152 32.21 15.89 5.60
CA ILE A 1152 30.98 15.61 6.36
C ILE A 1152 31.29 14.93 7.69
N ASN A 1153 30.30 14.91 8.58
CA ASN A 1153 30.31 14.09 9.80
C ASN A 1153 30.58 12.60 9.49
N ASN A 1160 32.91 19.17 22.08
CA ASN A 1160 32.33 17.95 21.52
C ASN A 1160 33.16 17.47 20.32
N HIS A 1161 33.55 16.19 20.31
CA HIS A 1161 34.28 15.58 19.17
C HIS A 1161 33.67 14.23 18.76
N ASN A 1162 32.53 14.30 18.08
CA ASN A 1162 31.90 13.15 17.41
C ASN A 1162 31.41 13.53 16.01
N TRP A 1163 30.81 14.71 15.91
CA TRP A 1163 30.31 15.28 14.66
C TRP A 1163 31.35 16.22 14.07
N ASP A 1164 32.17 15.71 13.15
CA ASP A 1164 33.31 16.45 12.61
C ASP A 1164 33.04 16.94 11.18
N THR A 1165 32.82 18.25 11.03
CA THR A 1165 32.68 18.90 9.71
C THR A 1165 33.68 20.04 9.58
N ARG A 1166 34.32 20.17 8.42
CA ARG A 1166 35.44 21.12 8.25
C ARG A 1166 35.35 21.82 6.91
N GLU A 1167 35.92 23.02 6.84
CA GLU A 1167 36.02 23.83 5.63
C GLU A 1167 37.51 24.02 5.30
N VAL A 1168 38.03 23.23 4.37
CA VAL A 1168 39.43 23.34 3.98
C VAL A 1168 39.60 22.97 2.52
N TYR A 1169 40.28 23.84 1.75
CA TYR A 1169 40.36 23.71 0.28
C TYR A 1169 41.52 22.83 -0.09
N PRO A 1170 41.28 21.77 -0.90
CA PRO A 1170 42.30 20.75 -1.09
C PRO A 1170 43.51 21.18 -1.90
N THR A 1171 43.43 22.33 -2.55
CA THR A 1171 44.55 22.83 -3.35
C THR A 1171 45.86 22.89 -2.59
N LYS A 1172 45.85 23.40 -1.38
CA LYS A 1172 47.01 23.45 -0.55
C LYS A 1172 47.21 22.15 0.19
N GLU A 1173 46.18 21.32 0.36
CA GLU A 1173 46.36 20.07 1.09
C GLU A 1173 47.25 19.11 0.28
N LEU A 1174 46.92 18.92 -1.00
CA LEU A 1174 47.78 18.17 -1.87
C LEU A 1174 49.18 18.80 -1.90
N GLU A 1175 49.19 20.13 -1.99
CA GLU A 1175 50.44 20.86 -2.11
C GLU A 1175 51.35 20.57 -0.92
N LYS A 1176 50.78 20.31 0.28
CA LYS A 1176 51.58 20.05 1.43
C LYS A 1176 51.87 18.55 1.62
N LEU A 1177 50.95 17.70 1.17
CA LEU A 1177 51.26 16.27 1.17
C LEU A 1177 52.39 15.95 0.23
N LEU A 1178 52.50 16.64 -0.91
CA LEU A 1178 53.67 16.51 -1.76
C LEU A 1178 54.92 17.13 -1.15
N LYS A 1179 54.77 17.97 -0.11
CA LYS A 1179 55.88 18.58 0.57
C LYS A 1179 56.53 17.71 1.64
N ASP A 1180 55.69 17.08 2.47
CA ASP A 1180 56.21 16.29 3.60
C ASP A 1180 56.61 14.86 3.20
N TYR A 1181 56.12 14.36 2.07
CA TYR A 1181 56.55 13.08 1.54
C TYR A 1181 57.16 13.26 0.16
N GLY A 1188 57.87 19.04 -8.32
CA GLY A 1188 58.41 19.72 -9.48
C GLY A 1188 57.33 20.27 -10.41
N GLU A 1189 57.54 20.11 -11.71
CA GLU A 1189 56.62 20.61 -12.73
C GLU A 1189 56.16 19.43 -13.56
N CYS A 1190 54.85 19.21 -13.57
CA CYS A 1190 54.22 18.09 -14.24
C CYS A 1190 54.77 16.71 -13.82
N ILE A 1191 54.99 16.57 -12.52
CA ILE A 1191 55.49 15.33 -11.94
C ILE A 1191 54.40 14.26 -11.81
N LYS A 1192 54.48 13.25 -12.67
CA LYS A 1192 53.48 12.22 -12.76
C LYS A 1192 53.82 11.06 -11.84
N ALA A 1194 56.23 9.30 -10.62
CA ALA A 1194 56.74 10.05 -9.48
C ALA A 1194 55.84 9.93 -8.26
N ILE A 1195 54.56 9.61 -8.46
CA ILE A 1195 53.60 9.50 -7.36
C ILE A 1195 53.73 8.17 -6.62
N CYS A 1196 54.07 7.10 -7.34
CA CYS A 1196 54.21 5.77 -6.76
C CYS A 1196 55.57 5.59 -6.11
N GLY A 1197 55.59 5.31 -4.81
CA GLY A 1197 56.85 5.17 -4.12
C GLY A 1197 56.68 5.02 -2.62
N GLU A 1198 57.80 5.18 -1.91
CA GLU A 1198 57.91 5.04 -0.46
C GLU A 1198 57.23 3.75 0.04
N SER A 1199 56.32 3.83 1.01
CA SER A 1199 55.63 2.65 1.54
C SER A 1199 54.53 2.19 0.58
N ASP A 1200 53.77 1.18 0.99
CA ASP A 1200 52.70 0.65 0.16
C ASP A 1200 51.43 1.49 0.33
N LYS A 1201 50.76 1.34 1.47
CA LYS A 1201 49.52 2.05 1.75
C LYS A 1201 49.50 2.85 3.08
N LYS A 1202 50.60 2.84 3.82
CA LYS A 1202 50.63 3.45 5.18
C LYS A 1202 50.66 4.97 5.11
N PHE A 1203 51.53 5.45 4.25
CA PHE A 1203 51.75 6.87 4.05
C PHE A 1203 50.85 7.48 2.97
N PHE A 1204 50.14 6.66 2.19
CA PHE A 1204 49.16 7.16 1.20
C PHE A 1204 47.77 7.42 1.79
N ALA A 1205 47.73 7.79 3.07
CA ALA A 1205 46.47 7.99 3.78
C ALA A 1205 45.71 9.24 3.32
N LYS A 1206 46.44 10.30 2.99
CA LYS A 1206 45.82 11.60 2.65
C LYS A 1206 45.45 11.72 1.18
N LEU A 1207 46.28 11.18 0.30
CA LEU A 1207 46.12 11.40 -1.14
C LEU A 1207 44.79 10.84 -1.65
N THR A 1208 44.57 9.56 -1.37
CA THR A 1208 43.41 8.85 -1.87
C THR A 1208 42.08 9.38 -1.29
N SER A 1209 42.14 10.10 -0.16
CA SER A 1209 40.94 10.70 0.45
C SER A 1209 40.69 12.10 -0.04
N VAL A 1210 41.72 12.97 0.06
CA VAL A 1210 41.62 14.33 -0.45
C VAL A 1210 41.32 14.37 -1.94
N LEU A 1211 41.65 13.30 -2.67
CA LEU A 1211 41.19 13.15 -4.06
C LEU A 1211 39.72 12.81 -4.10
N ASN A 1212 39.22 12.02 -3.15
CA ASN A 1212 37.80 11.74 -3.09
C ASN A 1212 36.96 12.93 -2.60
N THR A 1213 37.63 13.95 -2.04
CA THR A 1213 36.91 15.16 -1.68
C THR A 1213 36.66 16.06 -2.89
N ILE A 1214 37.72 16.37 -3.64
CA ILE A 1214 37.61 17.17 -4.83
C ILE A 1214 36.71 16.51 -5.88
N LEU A 1215 36.75 15.19 -5.94
CA LEU A 1215 36.01 14.42 -6.92
C LEU A 1215 34.50 14.43 -6.64
N GLN A 1216 34.07 14.83 -5.43
CA GLN A 1216 32.66 14.82 -5.06
C GLN A 1216 32.17 16.24 -4.75
N MET A 1217 31.00 16.58 -5.28
CA MET A 1217 30.59 17.99 -5.41
C MET A 1217 29.83 18.56 -4.23
N ARG A 1218 28.95 17.77 -3.63
CA ARG A 1218 28.13 18.27 -2.56
C ARG A 1218 28.93 18.54 -1.29
N ASN A 1219 28.66 19.68 -0.64
CA ASN A 1219 29.35 20.09 0.58
C ASN A 1219 28.34 20.42 1.69
N SER A 1220 28.33 19.57 2.72
CA SER A 1220 27.33 19.63 3.77
C SER A 1220 27.97 19.91 5.13
N LYS A 1221 27.53 21.00 5.79
CA LYS A 1221 27.88 21.27 7.18
C LYS A 1221 26.81 22.15 7.82
N GLU A 1225 22.63 24.27 6.57
CA GLU A 1225 22.05 24.23 5.24
C GLU A 1225 22.12 25.60 4.58
N LEU A 1226 22.15 25.65 3.25
CA LEU A 1226 21.97 24.51 2.34
C LEU A 1226 23.28 24.18 1.60
N ASP A 1227 23.46 22.94 1.22
CA ASP A 1227 24.66 22.53 0.49
C ASP A 1227 24.68 23.03 -0.97
N TYR A 1228 25.89 23.12 -1.56
CA TYR A 1228 26.09 23.66 -2.93
C TYR A 1228 26.93 22.72 -3.79
N LEU A 1229 27.07 23.01 -5.08
CA LEU A 1229 27.74 22.10 -6.04
C LEU A 1229 28.97 22.77 -6.64
N ILE A 1230 30.10 22.08 -6.66
CA ILE A 1230 31.36 22.64 -7.20
C ILE A 1230 31.93 21.64 -8.15
N SER A 1231 32.13 22.02 -9.41
CA SER A 1231 32.63 21.05 -10.37
C SER A 1231 34.16 21.00 -10.31
N PRO A 1232 34.72 19.80 -10.47
CA PRO A 1232 36.17 19.70 -10.63
C PRO A 1232 36.66 19.87 -12.08
N VAL A 1233 35.76 19.92 -13.07
CA VAL A 1233 36.13 20.02 -14.47
C VAL A 1233 35.73 21.40 -14.95
N ALA A 1234 36.67 22.13 -15.54
CA ALA A 1234 36.28 23.36 -16.21
C ALA A 1234 35.71 23.04 -17.56
N ASP A 1235 35.01 24.02 -18.11
CA ASP A 1235 35.01 24.18 -19.55
C ASP A 1235 35.87 25.41 -19.81
N VAL A 1236 35.70 25.98 -21.00
CA VAL A 1236 36.53 27.07 -21.49
C VAL A 1236 36.40 28.32 -20.65
N ASN A 1237 37.35 29.21 -20.90
CA ASN A 1237 37.66 30.32 -20.03
C ASN A 1237 37.90 29.86 -18.58
N GLY A 1238 38.49 28.67 -18.41
CA GLY A 1238 38.69 28.05 -17.12
C GLY A 1238 37.50 28.15 -16.18
N ASN A 1239 36.28 27.82 -16.62
CA ASN A 1239 35.11 27.95 -15.69
C ASN A 1239 34.82 26.69 -14.82
N PHE A 1240 34.60 26.88 -13.51
CA PHE A 1240 34.22 25.79 -12.60
C PHE A 1240 32.86 26.10 -11.98
N PHE A 1241 31.90 25.18 -12.08
CA PHE A 1241 30.54 25.47 -11.66
C PHE A 1241 30.43 25.60 -10.14
N ASP A 1242 29.95 26.74 -9.66
CA ASP A 1242 29.76 27.00 -8.23
C ASP A 1242 28.37 27.61 -8.04
N SER A 1243 27.43 26.81 -7.57
CA SER A 1243 26.03 27.22 -7.49
C SER A 1243 25.76 28.38 -6.54
N ARG A 1244 26.66 28.66 -5.61
CA ARG A 1244 26.47 29.80 -4.73
C ARG A 1244 26.58 31.15 -5.47
N GLN A 1245 27.06 31.13 -6.72
CA GLN A 1245 27.10 32.32 -7.57
C GLN A 1245 26.50 32.10 -8.97
N ALA A 1246 25.81 30.98 -9.19
CA ALA A 1246 25.33 30.63 -10.52
C ALA A 1246 24.08 31.43 -10.89
N PRO A 1247 23.86 31.69 -12.19
CA PRO A 1247 22.68 32.48 -12.59
C PRO A 1247 21.32 31.79 -12.32
N LYS A 1248 20.26 32.58 -12.30
CA LYS A 1248 18.92 32.06 -11.99
C LYS A 1248 18.31 31.19 -13.11
N ASN A 1249 19.07 30.87 -14.15
CA ASN A 1249 18.66 29.87 -15.14
C ASN A 1249 19.30 28.52 -14.91
N MET A 1250 20.31 28.47 -14.04
CA MET A 1250 20.97 27.24 -13.64
C MET A 1250 20.66 26.93 -12.18
N PRO A 1251 20.93 25.68 -11.76
CA PRO A 1251 20.69 25.34 -10.37
C PRO A 1251 21.52 26.17 -9.41
N GLN A 1252 20.86 26.99 -8.61
CA GLN A 1252 21.51 27.69 -7.52
C GLN A 1252 21.64 26.83 -6.26
N ASP A 1253 21.16 25.58 -6.32
CA ASP A 1253 21.14 24.70 -5.15
C ASP A 1253 21.68 23.32 -5.52
N ALA A 1254 22.37 22.68 -4.57
CA ALA A 1254 22.81 21.29 -4.75
C ALA A 1254 21.66 20.29 -4.97
N ASP A 1255 20.54 20.54 -4.31
CA ASP A 1255 19.37 19.69 -4.47
C ASP A 1255 18.55 20.03 -5.71
N ALA A 1256 18.59 21.29 -6.17
CA ALA A 1256 17.99 21.66 -7.45
C ALA A 1256 18.68 20.99 -8.62
N ASN A 1257 19.92 20.54 -8.44
CA ASN A 1257 20.66 19.94 -9.54
C ASN A 1257 20.03 18.59 -9.92
N GLY A 1258 19.58 17.81 -8.96
CA GLY A 1258 19.01 16.53 -9.23
C GLY A 1258 17.73 16.65 -10.09
N ALA A 1259 16.85 17.49 -9.59
CA ALA A 1259 15.60 17.78 -10.29
C ALA A 1259 15.89 18.34 -11.68
N TYR A 1260 16.88 19.21 -11.79
CA TYR A 1260 17.27 19.82 -13.02
C TYR A 1260 17.66 18.74 -14.03
N HIS A 1261 18.47 17.77 -13.59
CA HIS A 1261 18.90 16.74 -14.48
C HIS A 1261 17.80 15.75 -14.83
N ILE A 1262 16.86 15.53 -13.92
CA ILE A 1262 15.64 14.79 -14.24
C ILE A 1262 14.94 15.50 -15.42
N GLY A 1263 14.88 16.81 -15.31
CA GLY A 1263 14.31 17.70 -16.33
C GLY A 1263 15.07 17.59 -17.62
N LEU A 1264 16.34 17.31 -17.57
CA LEU A 1264 17.16 17.17 -18.77
C LEU A 1264 16.87 15.83 -19.46
N LYS A 1265 16.72 14.75 -18.64
CA LYS A 1265 16.22 13.52 -19.26
C LYS A 1265 14.85 13.75 -19.91
N GLY A 1266 14.00 14.53 -19.24
CA GLY A 1266 12.73 14.91 -19.80
C GLY A 1266 12.92 15.64 -21.13
N LEU A 1267 13.86 16.56 -21.20
CA LEU A 1267 14.18 17.26 -22.41
C LEU A 1267 14.50 16.31 -23.56
N MET A 1268 15.32 15.30 -23.25
CA MET A 1268 15.60 14.23 -24.22
C MET A 1268 14.29 13.57 -24.68
N LEU A 1269 13.39 13.28 -23.70
CA LEU A 1269 12.14 12.67 -24.07
C LEU A 1269 11.31 13.54 -25.04
N LEU A 1270 11.30 14.83 -24.75
CA LEU A 1270 10.63 15.80 -25.59
C LEU A 1270 11.19 15.82 -26.99
N GLY A 1271 12.51 15.78 -27.08
CA GLY A 1271 13.23 15.73 -28.34
C GLY A 1271 12.77 14.50 -29.16
N ARG A 1272 12.74 13.35 -28.45
CA ARG A 1272 12.31 12.11 -29.07
C ARG A 1272 10.89 12.22 -29.62
N ILE A 1273 10.02 12.81 -28.82
CA ILE A 1273 8.64 13.02 -29.18
C ILE A 1273 8.53 13.86 -30.46
N LYS A 1274 9.33 14.93 -30.50
CA LYS A 1274 9.33 15.87 -31.58
C LYS A 1274 9.80 15.26 -32.86
N ASN A 1275 10.57 14.18 -32.81
CA ASN A 1275 11.09 13.55 -34.01
C ASN A 1275 10.50 12.14 -34.21
N ASN A 1276 9.28 11.91 -33.77
CA ASN A 1276 8.62 10.64 -34.07
C ASN A 1276 8.36 10.58 -35.57
N GLN A 1277 8.33 9.37 -36.12
CA GLN A 1277 8.25 9.20 -37.58
C GLN A 1277 6.96 9.80 -38.14
N GLU A 1278 5.82 9.42 -37.56
CA GLU A 1278 4.43 9.80 -37.97
C GLU A 1278 3.45 8.63 -37.79
N LYS A 1281 5.86 4.05 -33.95
CA LYS A 1281 7.08 3.69 -33.24
C LYS A 1281 7.54 4.85 -32.37
N LEU A 1282 7.79 4.63 -31.08
CA LEU A 1282 8.30 5.68 -30.22
C LEU A 1282 9.12 5.13 -29.07
N ASN A 1283 10.44 5.24 -29.17
CA ASN A 1283 11.29 4.82 -28.07
C ASN A 1283 11.13 5.77 -26.91
N LEU A 1284 10.91 5.21 -25.74
CA LEU A 1284 10.65 5.96 -24.52
C LEU A 1284 11.64 5.66 -23.39
N VAL A 1285 12.54 4.71 -23.63
CA VAL A 1285 13.53 4.31 -22.63
C VAL A 1285 14.83 4.87 -23.10
N ILE A 1286 15.54 5.55 -22.21
CA ILE A 1286 16.84 6.13 -22.55
C ILE A 1286 17.92 5.28 -21.92
N LYS A 1287 18.98 5.02 -22.67
CA LYS A 1287 20.16 4.39 -22.14
C LYS A 1287 21.06 5.48 -21.58
N ASN A 1288 21.60 5.24 -20.39
CA ASN A 1288 22.57 6.11 -19.78
C ASN A 1288 23.69 6.46 -20.72
N GLU A 1289 23.97 5.67 -21.74
CA GLU A 1289 24.94 6.03 -22.76
C GLU A 1289 24.44 7.27 -23.53
N GLU A 1290 23.20 7.23 -24.01
CA GLU A 1290 22.63 8.32 -24.73
C GLU A 1290 22.45 9.53 -23.85
N TYR A 1291 22.17 9.32 -22.56
CA TYR A 1291 21.96 10.44 -21.64
C TYR A 1291 23.28 11.17 -21.37
N PHE A 1292 24.33 10.43 -21.02
CA PHE A 1292 25.61 11.02 -20.85
C PHE A 1292 26.11 11.72 -22.13
N GLU A 1293 25.92 11.05 -23.24
CA GLU A 1293 26.26 11.59 -24.55
C GLU A 1293 25.55 12.93 -24.78
N PHE A 1294 24.28 13.02 -24.44
CA PHE A 1294 23.53 14.23 -24.57
C PHE A 1294 24.01 15.36 -23.65
N VAL A 1295 24.11 15.05 -22.37
CA VAL A 1295 24.34 16.08 -21.36
C VAL A 1295 25.75 16.61 -21.43
N GLN A 1296 26.73 15.78 -21.73
CA GLN A 1296 28.11 16.22 -21.62
C GLN A 1296 28.50 17.23 -22.69
N ASN A 1297 27.83 17.23 -23.83
CA ASN A 1297 28.19 18.16 -24.90
C ASN A 1297 26.98 18.84 -25.51
N ARG A 1298 25.93 19.03 -24.72
CA ARG A 1298 24.77 19.81 -25.20
C ARG A 1298 25.08 21.32 -25.31
N ASN A 1299 26.10 21.77 -24.58
CA ASN A 1299 26.56 23.15 -24.66
C ASN A 1299 27.99 23.18 -25.20
N ASN A 1300 28.17 23.51 -26.49
CA ASN A 1300 29.50 23.73 -27.08
C ASN A 1300 29.63 25.22 -27.33
MG MG E . -13.37 24.64 2.25
MG MG F . -8.28 32.49 5.37
#